data_1SAC
#
_entry.id   1SAC
#
_cell.length_a   68.900
_cell.length_b   99.300
_cell.length_c   96.700
_cell.angle_alpha   90.00
_cell.angle_beta   95.90
_cell.angle_gamma   90.00
#
_symmetry.space_group_name_H-M   'P 1 21 1'
#
loop_
_entity.id
_entity.type
_entity.pdbx_description
1 polymer 'SERUM AMYLOID P COMPONENT'
2 non-polymer 'CALCIUM ION'
3 non-polymer 'ACETIC ACID'
#
_entity_poly.entity_id   1
_entity_poly.type   'polypeptide(L)'
_entity_poly.pdbx_seq_one_letter_code
;HTDLSGKVFVFPRESVTDHVNLITPLEKPLQNFTLCFRAYSDLSRAYSLFSYNTQGRDNELLVYKERVGEYSLYIGRHKV
TSKVIEKFPAPVHICVSWESSSGIAEFWINGTPLVKKGLRQGYFVEAQPKIVLGQEQDSYGGKFDRSQSFVGEIGDLYMW
DSVLPPENILSAYQGTPLPANILDWQALNYEIRGYVIIKPLVWV
;
_entity_poly.pdbx_strand_id   A,B,C,D,E
#
loop_
_chem_comp.id
_chem_comp.type
_chem_comp.name
_chem_comp.formula
ACY non-polymer 'ACETIC ACID' 'C2 H4 O2'
CA non-polymer 'CALCIUM ION' 'Ca 2'
#
# COMPACT_ATOMS: atom_id res chain seq x y z
N HIS A 1 27.46 -29.14 -23.68
CA HIS A 1 28.36 -27.99 -23.66
C HIS A 1 27.85 -26.92 -24.63
N THR A 2 26.73 -26.32 -24.21
CA THR A 2 26.07 -25.24 -24.95
C THR A 2 26.17 -23.95 -24.12
N ASP A 3 26.56 -22.90 -24.76
CA ASP A 3 26.51 -21.55 -24.16
C ASP A 3 25.09 -21.01 -24.17
N LEU A 4 24.43 -21.02 -23.02
CA LEU A 4 23.04 -20.52 -22.98
C LEU A 4 23.00 -19.05 -22.55
N SER A 5 24.11 -18.35 -22.55
CA SER A 5 24.22 -16.91 -22.31
C SER A 5 23.08 -16.15 -22.99
N GLY A 6 22.29 -15.43 -22.21
CA GLY A 6 21.20 -14.60 -22.74
C GLY A 6 19.96 -15.39 -23.08
N LYS A 7 19.94 -16.69 -22.82
CA LYS A 7 18.73 -17.48 -23.09
C LYS A 7 18.11 -17.96 -21.79
N VAL A 8 16.88 -18.31 -21.93
CA VAL A 8 16.25 -19.07 -20.84
C VAL A 8 15.56 -20.32 -21.36
N PHE A 9 15.25 -21.15 -20.43
CA PHE A 9 14.41 -22.30 -20.69
C PHE A 9 13.01 -21.87 -20.32
N VAL A 10 12.07 -22.22 -21.14
CA VAL A 10 10.67 -21.92 -20.84
C VAL A 10 9.82 -23.17 -21.04
N PHE A 11 9.41 -23.61 -19.90
CA PHE A 11 8.32 -24.58 -19.65
C PHE A 11 6.99 -23.86 -19.83
N PRO A 12 6.43 -23.87 -21.04
CA PRO A 12 5.24 -23.12 -21.40
C PRO A 12 3.95 -23.71 -20.90
N ARG A 13 3.96 -24.85 -20.29
CA ARG A 13 2.69 -25.38 -19.79
C ARG A 13 2.89 -26.36 -18.67
N GLU A 14 1.80 -26.56 -17.97
CA GLU A 14 1.75 -27.50 -16.85
C GLU A 14 1.61 -28.92 -17.38
N SER A 15 2.38 -29.81 -16.82
CA SER A 15 2.41 -31.19 -17.30
C SER A 15 3.05 -32.10 -16.26
N VAL A 16 3.12 -33.35 -16.54
CA VAL A 16 3.97 -34.21 -15.70
C VAL A 16 5.04 -34.88 -16.56
N THR A 17 5.29 -34.32 -17.73
CA THR A 17 6.26 -34.93 -18.65
C THR A 17 7.44 -34.01 -18.95
N ASP A 18 7.13 -32.76 -19.24
CA ASP A 18 8.17 -31.78 -19.62
C ASP A 18 9.18 -31.60 -18.49
N HIS A 19 10.45 -31.82 -18.95
CA HIS A 19 11.52 -31.42 -18.02
C HIS A 19 12.86 -31.37 -18.77
N VAL A 20 13.85 -30.81 -18.09
CA VAL A 20 15.25 -30.88 -18.52
C VAL A 20 16.11 -31.63 -17.54
N ASN A 21 16.87 -32.57 -18.01
CA ASN A 21 17.94 -33.19 -17.22
C ASN A 21 19.23 -32.38 -17.34
N LEU A 22 19.76 -32.07 -16.18
CA LEU A 22 21.05 -31.38 -16.12
C LEU A 22 22.17 -32.38 -15.84
N ILE A 23 23.24 -32.36 -16.63
CA ILE A 23 24.20 -33.48 -16.58
C ILE A 23 25.51 -33.04 -15.96
N THR A 24 25.90 -33.67 -14.85
CA THR A 24 27.24 -33.33 -14.32
C THR A 24 27.91 -34.59 -13.79
N PRO A 25 29.23 -34.73 -14.03
CA PRO A 25 30.11 -35.80 -13.59
C PRO A 25 30.62 -35.53 -12.20
N LEU A 26 29.66 -35.40 -11.33
CA LEU A 26 29.83 -35.21 -9.89
C LEU A 26 30.05 -36.59 -9.27
N GLU A 27 31.31 -36.96 -9.14
CA GLU A 27 31.70 -38.31 -8.65
C GLU A 27 32.22 -38.25 -7.20
N LYS A 28 32.24 -37.11 -6.52
CA LYS A 28 32.61 -37.03 -5.07
C LYS A 28 31.52 -36.25 -4.29
N PRO A 29 31.13 -36.66 -3.06
CA PRO A 29 30.09 -35.99 -2.26
C PRO A 29 30.43 -34.54 -2.04
N LEU A 30 29.36 -33.78 -1.96
CA LEU A 30 29.42 -32.32 -1.74
C LEU A 30 29.55 -32.02 -0.25
N GLN A 31 30.45 -31.16 0.24
CA GLN A 31 30.43 -30.70 1.64
C GLN A 31 29.88 -29.27 1.70
N ASN A 32 30.18 -28.51 0.67
CA ASN A 32 29.62 -27.16 0.49
C ASN A 32 29.26 -26.96 -0.97
N PHE A 33 28.38 -25.99 -1.20
CA PHE A 33 27.90 -25.64 -2.54
C PHE A 33 27.11 -24.32 -2.49
N THR A 34 27.09 -23.71 -3.67
CA THR A 34 26.30 -22.51 -3.93
C THR A 34 25.57 -22.72 -5.25
N LEU A 35 24.31 -22.37 -5.23
CA LEU A 35 23.43 -22.52 -6.38
C LEU A 35 22.72 -21.20 -6.69
N CYS A 36 22.94 -20.60 -7.86
CA CYS A 36 22.25 -19.34 -8.23
C CYS A 36 21.46 -19.55 -9.52
N PHE A 37 20.29 -18.93 -9.62
CA PHE A 37 19.62 -18.88 -10.94
C PHE A 37 18.53 -17.83 -10.92
N ARG A 38 18.00 -17.43 -12.06
CA ARG A 38 16.85 -16.56 -12.22
C ARG A 38 15.61 -17.36 -12.60
N ALA A 39 14.47 -16.87 -12.14
CA ALA A 39 13.21 -17.53 -12.42
C ALA A 39 12.07 -16.54 -12.54
N TYR A 40 11.18 -16.80 -13.46
CA TYR A 40 9.99 -15.97 -13.74
C TYR A 40 8.77 -16.87 -13.91
N SER A 41 7.89 -16.83 -12.94
CA SER A 41 6.71 -17.71 -12.93
C SER A 41 5.51 -16.95 -12.39
N ASP A 42 4.31 -17.26 -12.81
CA ASP A 42 3.09 -16.65 -12.29
C ASP A 42 2.18 -17.66 -11.63
N LEU A 43 2.74 -18.80 -11.30
CA LEU A 43 2.10 -19.88 -10.52
C LEU A 43 1.88 -19.37 -9.07
N SER A 44 0.68 -19.49 -8.54
CA SER A 44 0.42 -19.14 -7.13
C SER A 44 0.69 -20.34 -6.24
N ARG A 45 0.65 -21.52 -6.82
CA ARG A 45 0.84 -22.77 -6.09
C ARG A 45 2.29 -23.07 -5.81
N ALA A 46 2.55 -24.07 -4.97
CA ALA A 46 3.93 -24.46 -4.67
C ALA A 46 4.58 -25.15 -5.86
N TYR A 47 5.91 -25.11 -5.92
CA TYR A 47 6.59 -25.71 -7.08
C TYR A 47 8.05 -25.94 -6.83
N SER A 48 8.61 -26.94 -7.49
CA SER A 48 10.04 -27.25 -7.44
C SER A 48 10.82 -26.29 -8.33
N LEU A 49 11.92 -25.73 -7.90
CA LEU A 49 12.81 -24.93 -8.74
C LEU A 49 14.02 -25.74 -9.19
N PHE A 50 14.54 -26.59 -8.34
CA PHE A 50 15.76 -27.38 -8.60
C PHE A 50 15.67 -28.71 -7.86
N SER A 51 15.66 -29.87 -8.54
CA SER A 51 15.50 -31.22 -8.01
C SER A 51 16.79 -32.03 -8.24
N TYR A 52 17.36 -32.43 -7.13
CA TYR A 52 18.65 -33.14 -7.03
C TYR A 52 18.48 -34.41 -6.18
N ASN A 53 18.27 -35.52 -6.87
CA ASN A 53 18.07 -36.84 -6.23
C ASN A 53 19.25 -37.76 -6.52
N THR A 54 19.59 -38.61 -5.51
CA THR A 54 20.60 -39.64 -5.80
C THR A 54 19.98 -41.03 -5.67
N GLN A 55 20.69 -42.05 -6.05
CA GLN A 55 20.14 -43.42 -6.04
C GLN A 55 19.72 -43.80 -4.61
N GLY A 56 18.44 -44.06 -4.45
CA GLY A 56 17.81 -44.42 -3.19
C GLY A 56 17.59 -43.25 -2.25
N ARG A 57 17.79 -42.02 -2.70
CA ARG A 57 17.63 -40.86 -1.81
C ARG A 57 16.80 -39.77 -2.45
N ASP A 58 15.58 -39.67 -1.99
CA ASP A 58 14.70 -38.57 -2.44
C ASP A 58 15.07 -37.27 -1.73
N ASN A 59 14.97 -36.15 -2.39
CA ASN A 59 15.10 -34.84 -1.73
C ASN A 59 16.47 -34.72 -1.07
N GLU A 60 17.43 -35.05 -1.86
CA GLU A 60 18.84 -35.01 -1.44
C GLU A 60 19.33 -33.55 -1.37
N LEU A 61 18.86 -32.78 -2.33
CA LEU A 61 19.13 -31.33 -2.49
C LEU A 61 17.98 -30.81 -3.37
N LEU A 62 17.01 -30.17 -2.71
CA LEU A 62 15.80 -29.65 -3.38
C LEU A 62 15.50 -28.22 -2.94
N VAL A 63 15.29 -27.38 -3.94
CA VAL A 63 14.94 -25.97 -3.72
C VAL A 63 13.48 -25.74 -4.10
N TYR A 64 12.70 -25.49 -3.13
CA TYR A 64 11.22 -25.61 -3.29
C TYR A 64 10.58 -24.27 -2.91
N LYS A 65 9.59 -23.83 -3.66
CA LYS A 65 8.85 -22.61 -3.36
C LYS A 65 7.49 -22.92 -2.76
N GLU A 66 7.29 -22.63 -1.48
CA GLU A 66 6.09 -23.07 -0.75
C GLU A 66 4.87 -22.28 -1.25
N ARG A 67 5.12 -21.01 -1.38
CA ARG A 67 4.14 -19.97 -1.71
C ARG A 67 4.84 -18.64 -1.88
N VAL A 68 4.20 -17.60 -2.27
CA VAL A 68 4.83 -16.27 -2.37
C VAL A 68 5.51 -15.91 -1.04
N GLY A 69 6.73 -15.43 -1.15
CA GLY A 69 7.53 -14.96 0.01
C GLY A 69 8.08 -16.12 0.84
N GLU A 70 8.13 -17.36 0.41
CA GLU A 70 8.57 -18.50 1.24
C GLU A 70 9.30 -19.52 0.37
N TYR A 71 10.58 -19.67 0.69
CA TYR A 71 11.48 -20.59 0.00
C TYR A 71 12.01 -21.63 0.98
N SER A 72 12.10 -22.84 0.49
CA SER A 72 12.59 -23.98 1.28
C SER A 72 13.80 -24.62 0.61
N LEU A 73 14.62 -25.18 1.49
CA LEU A 73 15.79 -25.97 1.05
C LEU A 73 15.86 -27.29 1.81
N TYR A 74 15.92 -28.36 1.04
CA TYR A 74 16.04 -29.72 1.58
C TYR A 74 17.46 -30.25 1.38
N ILE A 75 18.04 -30.70 2.48
CA ILE A 75 19.37 -31.30 2.47
C ILE A 75 19.34 -32.64 3.19
N GLY A 76 19.35 -33.67 2.39
CA GLY A 76 19.29 -35.05 2.88
C GLY A 76 17.92 -35.31 3.51
N ARG A 77 16.88 -34.71 2.96
CA ARG A 77 15.47 -34.95 3.37
C ARG A 77 15.04 -34.06 4.56
N HIS A 78 15.99 -33.32 5.10
CA HIS A 78 15.73 -32.37 6.20
C HIS A 78 15.36 -31.04 5.53
N LYS A 79 14.39 -30.33 6.08
CA LYS A 79 13.89 -29.09 5.46
C LYS A 79 14.08 -27.85 6.35
N VAL A 80 14.28 -26.75 5.66
CA VAL A 80 14.43 -25.41 6.26
C VAL A 80 13.74 -24.40 5.34
N THR A 81 13.23 -23.35 6.00
CA THR A 81 12.46 -22.35 5.24
C THR A 81 12.72 -20.94 5.77
N SER A 82 12.84 -20.03 4.82
CA SER A 82 13.06 -18.59 5.10
C SER A 82 12.05 -17.77 4.29
N LYS A 83 11.62 -16.67 4.88
CA LYS A 83 10.65 -15.78 4.26
C LYS A 83 11.32 -14.50 3.75
N VAL A 84 10.64 -13.88 2.83
CA VAL A 84 11.11 -12.58 2.30
C VAL A 84 9.92 -11.80 1.79
N ILE A 85 9.95 -10.49 1.87
CA ILE A 85 8.94 -9.67 1.14
C ILE A 85 9.21 -9.71 -0.35
N GLU A 86 8.22 -10.08 -1.15
CA GLU A 86 8.38 -10.02 -2.60
C GLU A 86 7.06 -9.75 -3.28
N LYS A 87 7.15 -9.22 -4.48
CA LYS A 87 6.01 -8.86 -5.34
C LYS A 87 5.55 -10.08 -6.12
N PHE A 88 4.32 -10.12 -6.61
CA PHE A 88 3.93 -11.29 -7.43
C PHE A 88 2.96 -10.89 -8.51
N PRO A 89 3.20 -11.29 -9.75
CA PRO A 89 4.38 -12.08 -10.12
C PRO A 89 5.56 -11.18 -10.45
N ALA A 90 6.75 -11.73 -10.32
CA ALA A 90 7.92 -10.96 -10.73
C ALA A 90 9.14 -11.87 -10.86
N PRO A 91 10.15 -11.50 -11.65
CA PRO A 91 11.36 -12.28 -11.79
C PRO A 91 12.12 -12.21 -10.51
N VAL A 92 12.81 -13.30 -10.22
CA VAL A 92 13.62 -13.39 -9.01
C VAL A 92 14.98 -14.01 -9.30
N HIS A 93 15.96 -13.45 -8.64
CA HIS A 93 17.29 -14.05 -8.62
C HIS A 93 17.55 -14.72 -7.27
N ILE A 94 17.90 -16.00 -7.48
CA ILE A 94 18.01 -16.75 -6.22
C ILE A 94 19.37 -17.42 -6.10
N CYS A 95 19.78 -17.49 -4.84
CA CYS A 95 21.05 -18.09 -4.45
C CYS A 95 20.95 -18.72 -3.08
N VAL A 96 21.37 -19.95 -3.05
CA VAL A 96 21.39 -20.70 -1.80
C VAL A 96 22.69 -21.50 -1.72
N SER A 97 23.26 -21.30 -0.59
CA SER A 97 24.50 -21.99 -0.25
C SER A 97 24.30 -22.77 1.04
N TRP A 98 24.99 -23.88 1.05
CA TRP A 98 24.97 -24.70 2.27
C TRP A 98 26.39 -25.18 2.57
N GLU A 99 26.60 -25.33 3.86
CA GLU A 99 27.90 -25.67 4.46
C GLU A 99 27.74 -26.78 5.49
N SER A 100 28.34 -27.92 5.19
CA SER A 100 28.24 -29.11 6.06
C SER A 100 28.76 -28.85 7.49
N SER A 101 29.95 -28.27 7.56
CA SER A 101 30.65 -28.03 8.86
C SER A 101 29.78 -27.26 9.87
N SER A 102 29.02 -26.30 9.39
CA SER A 102 28.16 -25.47 10.27
C SER A 102 26.71 -25.89 10.15
N GLY A 103 26.34 -26.43 9.03
CA GLY A 103 24.94 -26.70 8.67
C GLY A 103 24.25 -25.43 8.18
N ILE A 104 24.98 -24.34 8.07
CA ILE A 104 24.30 -23.06 7.74
C ILE A 104 23.87 -23.04 6.27
N ALA A 105 22.59 -22.84 6.02
CA ALA A 105 21.99 -22.52 4.73
C ALA A 105 21.75 -21.01 4.61
N GLU A 106 22.20 -20.32 3.57
CA GLU A 106 21.80 -18.95 3.33
C GLU A 106 21.12 -18.74 1.99
N PHE A 107 19.93 -18.19 1.97
CA PHE A 107 19.17 -17.71 0.80
C PHE A 107 19.51 -16.24 0.52
N TRP A 108 19.85 -15.94 -0.73
CA TRP A 108 19.77 -14.54 -1.15
C TRP A 108 18.73 -14.38 -2.26
N ILE A 109 17.80 -13.48 -2.01
CA ILE A 109 16.73 -13.12 -2.97
C ILE A 109 17.01 -11.71 -3.52
N ASN A 110 17.25 -11.66 -4.82
CA ASN A 110 17.53 -10.39 -5.50
C ASN A 110 18.59 -9.59 -4.73
N GLY A 111 19.61 -10.28 -4.27
CA GLY A 111 20.77 -9.65 -3.62
C GLY A 111 20.61 -9.49 -2.12
N THR A 112 19.46 -9.82 -1.57
CA THR A 112 19.07 -9.63 -0.16
C THR A 112 19.27 -10.93 0.61
N PRO A 113 20.11 -10.94 1.64
CA PRO A 113 20.24 -12.17 2.44
C PRO A 113 18.98 -12.39 3.27
N LEU A 114 18.46 -13.65 3.23
CA LEU A 114 17.40 -14.00 4.19
C LEU A 114 18.02 -14.38 5.54
N VAL A 115 17.24 -14.61 6.59
CA VAL A 115 17.79 -15.10 7.88
C VAL A 115 18.41 -16.47 7.69
N LYS A 116 19.63 -16.67 8.13
CA LYS A 116 20.28 -17.99 8.06
C LYS A 116 19.50 -19.03 8.84
N LYS A 117 19.45 -20.25 8.35
CA LYS A 117 18.89 -21.40 9.08
C LYS A 117 19.90 -22.54 9.08
N GLY A 118 19.73 -23.58 9.86
CA GLY A 118 20.71 -24.67 9.95
C GLY A 118 20.04 -26.04 9.83
N LEU A 119 20.66 -26.93 9.08
CA LEU A 119 20.27 -28.33 8.87
C LEU A 119 21.46 -29.22 8.53
N ARG A 120 21.45 -30.46 8.97
CA ARG A 120 22.33 -31.55 8.55
C ARG A 120 23.79 -31.20 8.68
N GLN A 121 24.23 -30.58 9.76
CA GLN A 121 25.65 -30.42 10.10
C GLN A 121 26.36 -31.78 10.07
N GLY A 122 27.36 -31.92 9.22
CA GLY A 122 28.26 -33.08 9.26
C GLY A 122 27.95 -34.03 8.09
N TYR A 123 26.77 -33.79 7.49
CA TYR A 123 26.25 -34.57 6.33
C TYR A 123 26.93 -34.11 5.03
N PHE A 124 27.11 -35.02 4.14
CA PHE A 124 27.60 -34.81 2.77
C PHE A 124 26.54 -35.20 1.75
N VAL A 125 26.27 -34.30 0.83
CA VAL A 125 25.29 -34.59 -0.22
C VAL A 125 25.97 -35.48 -1.24
N GLU A 126 25.36 -36.64 -1.37
CA GLU A 126 25.82 -37.75 -2.22
C GLU A 126 25.96 -37.29 -3.67
N ALA A 127 26.95 -38.01 -4.24
CA ALA A 127 27.40 -37.79 -5.62
C ALA A 127 26.51 -38.53 -6.62
N GLN A 128 26.90 -38.40 -7.90
CA GLN A 128 26.21 -38.97 -9.07
C GLN A 128 24.71 -38.68 -8.98
N PRO A 129 24.31 -37.40 -9.02
CA PRO A 129 22.87 -37.10 -8.87
C PRO A 129 22.17 -37.19 -10.21
N LYS A 130 20.84 -37.29 -10.13
CA LYS A 130 20.04 -36.78 -11.26
C LYS A 130 19.40 -35.45 -10.88
N ILE A 131 19.70 -34.48 -11.71
CA ILE A 131 19.22 -33.11 -11.55
C ILE A 131 18.21 -32.76 -12.63
N VAL A 132 16.99 -32.44 -12.23
CA VAL A 132 15.99 -32.03 -13.22
C VAL A 132 15.37 -30.70 -12.80
N LEU A 133 15.09 -30.00 -13.91
CA LEU A 133 14.43 -28.68 -13.95
C LEU A 133 13.01 -28.89 -14.49
N GLY A 134 11.98 -28.35 -13.96
CA GLY A 134 10.62 -28.38 -14.55
C GLY A 134 9.72 -29.36 -13.82
N GLN A 135 10.27 -30.39 -13.22
CA GLN A 135 9.52 -31.33 -12.36
C GLN A 135 10.30 -31.58 -11.07
N GLU A 136 9.56 -32.18 -10.18
CA GLU A 136 10.03 -32.66 -8.88
C GLU A 136 10.11 -34.19 -8.89
N GLN A 137 11.29 -34.73 -8.63
CA GLN A 137 11.56 -36.17 -8.60
C GLN A 137 11.23 -36.80 -7.25
N ASP A 138 10.60 -37.97 -7.31
CA ASP A 138 10.37 -38.79 -6.12
C ASP A 138 11.22 -40.06 -6.19
N SER A 139 11.74 -40.28 -7.38
CA SER A 139 12.62 -41.43 -7.67
C SER A 139 13.84 -40.95 -8.43
N TYR A 140 14.83 -41.76 -8.44
CA TYR A 140 16.08 -41.40 -9.14
C TYR A 140 15.80 -41.21 -10.63
N GLY A 141 15.46 -39.99 -11.00
CA GLY A 141 15.19 -39.54 -12.35
C GLY A 141 13.72 -39.47 -12.69
N GLY A 142 12.79 -39.84 -11.82
CA GLY A 142 11.40 -39.86 -12.29
C GLY A 142 10.42 -39.62 -11.13
N LYS A 143 9.25 -40.20 -11.24
CA LYS A 143 8.13 -40.12 -10.32
C LYS A 143 7.71 -38.68 -10.10
N PHE A 144 7.44 -37.97 -11.14
CA PHE A 144 7.09 -36.54 -11.08
C PHE A 144 5.63 -36.39 -10.55
N ASP A 145 5.30 -35.18 -10.10
CA ASP A 145 3.93 -34.81 -9.59
C ASP A 145 3.53 -33.47 -10.22
N ARG A 146 2.55 -33.54 -11.07
CA ARG A 146 2.03 -32.38 -11.79
C ARG A 146 1.80 -31.19 -10.88
N SER A 147 1.42 -31.33 -9.64
CA SER A 147 1.13 -30.18 -8.74
C SER A 147 2.41 -29.63 -8.15
N GLN A 148 3.52 -30.10 -8.64
CA GLN A 148 4.79 -29.53 -8.20
C GLN A 148 5.61 -29.06 -9.40
N SER A 149 4.95 -29.11 -10.53
CA SER A 149 5.60 -28.77 -11.79
C SER A 149 5.91 -27.29 -11.87
N PHE A 150 7.03 -26.98 -12.50
CA PHE A 150 7.40 -25.59 -12.78
C PHE A 150 6.91 -25.19 -14.16
N VAL A 151 6.09 -24.16 -14.19
CA VAL A 151 5.71 -23.48 -15.44
C VAL A 151 6.23 -22.05 -15.42
N GLY A 152 7.06 -21.71 -16.40
CA GLY A 152 7.71 -20.39 -16.38
C GLY A 152 9.04 -20.49 -17.12
N GLU A 153 9.94 -19.57 -16.83
CA GLU A 153 11.28 -19.51 -17.44
C GLU A 153 12.35 -19.58 -16.35
N ILE A 154 13.38 -20.36 -16.57
CA ILE A 154 14.61 -20.38 -15.78
C ILE A 154 15.85 -20.08 -16.61
N GLY A 155 16.82 -19.33 -16.05
CA GLY A 155 18.11 -19.15 -16.73
C GLY A 155 19.18 -18.76 -15.70
N ASP A 156 20.39 -18.56 -16.22
CA ASP A 156 21.55 -18.10 -15.41
C ASP A 156 21.75 -18.95 -14.15
N LEU A 157 21.59 -20.25 -14.37
CA LEU A 157 21.80 -21.31 -13.35
C LEU A 157 23.31 -21.66 -13.35
N TYR A 158 23.91 -21.49 -12.17
CA TYR A 158 25.32 -21.81 -11.91
C TYR A 158 25.43 -22.55 -10.59
N MET A 159 26.31 -23.51 -10.53
CA MET A 159 26.52 -24.23 -9.27
C MET A 159 28.02 -24.49 -9.05
N TRP A 160 28.49 -24.12 -7.89
CA TRP A 160 29.90 -24.15 -7.45
C TRP A 160 30.05 -25.18 -6.31
N ASP A 161 31.20 -25.78 -6.11
CA ASP A 161 31.37 -26.65 -4.93
C ASP A 161 32.04 -25.91 -3.79
N SER A 162 31.67 -24.66 -3.61
CA SER A 162 32.07 -23.86 -2.44
C SER A 162 30.97 -22.89 -2.06
N VAL A 163 31.03 -22.38 -0.84
CA VAL A 163 30.17 -21.27 -0.41
C VAL A 163 30.78 -19.94 -0.81
N LEU A 164 30.09 -19.23 -1.69
CA LEU A 164 30.54 -17.96 -2.28
C LEU A 164 30.42 -16.83 -1.24
N PRO A 165 31.37 -15.92 -1.15
CA PRO A 165 31.18 -14.69 -0.36
C PRO A 165 30.02 -13.87 -0.88
N PRO A 166 29.49 -12.99 -0.05
CA PRO A 166 28.50 -12.01 -0.52
C PRO A 166 28.99 -11.23 -1.71
N GLU A 167 30.25 -10.92 -1.83
CA GLU A 167 30.81 -10.22 -2.99
C GLU A 167 30.42 -10.94 -4.28
N ASN A 168 30.52 -12.26 -4.23
CA ASN A 168 30.36 -13.02 -5.48
C ASN A 168 28.88 -13.27 -5.76
N ILE A 169 28.05 -13.32 -4.72
CA ILE A 169 26.59 -13.34 -4.87
C ILE A 169 26.09 -12.07 -5.56
N LEU A 170 26.59 -10.93 -5.10
CA LEU A 170 26.23 -9.60 -5.64
C LEU A 170 26.59 -9.53 -7.13
N SER A 171 27.75 -10.03 -7.48
CA SER A 171 28.27 -10.08 -8.85
C SER A 171 27.39 -10.98 -9.72
N ALA A 172 27.01 -12.14 -9.23
CA ALA A 172 26.11 -13.04 -9.97
C ALA A 172 24.79 -12.34 -10.26
N TYR A 173 24.25 -11.76 -9.26
CA TYR A 173 22.96 -11.07 -9.33
C TYR A 173 23.01 -9.96 -10.38
N GLN A 174 24.18 -9.39 -10.50
CA GLN A 174 24.37 -8.23 -11.37
C GLN A 174 24.74 -8.61 -12.81
N GLY A 175 24.81 -9.91 -13.03
CA GLY A 175 25.03 -10.48 -14.38
C GLY A 175 26.49 -10.83 -14.68
N THR A 176 27.34 -10.98 -13.73
CA THR A 176 28.72 -11.41 -13.99
C THR A 176 29.14 -12.47 -12.97
N PRO A 177 28.71 -13.68 -13.09
CA PRO A 177 29.04 -14.69 -12.09
C PRO A 177 30.39 -15.25 -12.37
N LEU A 178 30.90 -15.87 -11.32
CA LEU A 178 32.21 -16.54 -11.34
C LEU A 178 32.07 -17.84 -12.11
N PRO A 179 33.08 -18.32 -12.85
CA PRO A 179 32.95 -19.59 -13.53
C PRO A 179 32.66 -20.63 -12.50
N ALA A 180 31.65 -21.41 -12.79
CA ALA A 180 31.19 -22.49 -11.90
C ALA A 180 31.71 -23.83 -12.38
N ASN A 181 31.92 -24.70 -11.42
CA ASN A 181 32.51 -26.01 -11.72
C ASN A 181 31.59 -27.18 -11.38
N ILE A 182 30.38 -27.02 -10.98
CA ILE A 182 29.43 -28.15 -11.02
C ILE A 182 28.44 -27.96 -12.18
N LEU A 183 27.97 -26.75 -12.33
CA LEU A 183 26.92 -26.44 -13.33
C LEU A 183 27.15 -25.00 -13.84
N ASP A 184 27.16 -24.73 -15.10
CA ASP A 184 27.58 -23.47 -15.70
C ASP A 184 26.73 -23.20 -16.96
N TRP A 185 25.88 -22.15 -16.87
CA TRP A 185 24.92 -21.76 -17.92
C TRP A 185 25.64 -21.63 -19.26
N GLN A 186 26.95 -21.33 -19.18
CA GLN A 186 27.71 -21.00 -20.40
C GLN A 186 28.45 -22.23 -20.91
N ALA A 187 28.32 -23.32 -20.19
CA ALA A 187 28.90 -24.59 -20.62
C ALA A 187 28.05 -25.74 -20.09
N LEU A 188 26.77 -25.73 -20.56
CA LEU A 188 25.78 -26.61 -19.92
C LEU A 188 25.49 -27.82 -20.80
N ASN A 189 25.51 -28.93 -20.12
CA ASN A 189 25.22 -30.26 -20.66
C ASN A 189 23.83 -30.64 -20.18
N TYR A 190 22.89 -30.67 -21.10
CA TYR A 190 21.49 -30.94 -20.73
C TYR A 190 20.76 -31.74 -21.81
N GLU A 191 19.67 -32.39 -21.34
CA GLU A 191 18.70 -33.04 -22.22
C GLU A 191 17.31 -32.46 -22.03
N ILE A 192 16.80 -31.81 -23.05
CA ILE A 192 15.37 -31.46 -23.11
C ILE A 192 14.50 -32.68 -23.31
N ARG A 193 13.53 -32.90 -22.44
CA ARG A 193 12.55 -33.97 -22.58
C ARG A 193 11.14 -33.38 -22.62
N GLY A 194 10.50 -33.48 -23.76
CA GLY A 194 9.13 -32.95 -23.86
C GLY A 194 9.18 -31.52 -24.38
N TYR A 195 8.21 -30.79 -23.91
CA TYR A 195 7.90 -29.50 -24.53
C TYR A 195 8.51 -28.36 -23.68
N VAL A 196 9.75 -28.09 -23.96
CA VAL A 196 10.41 -26.94 -23.35
C VAL A 196 11.28 -26.31 -24.44
N ILE A 197 11.03 -25.03 -24.58
CA ILE A 197 11.65 -24.16 -25.59
C ILE A 197 12.78 -23.35 -24.98
N ILE A 198 13.81 -23.06 -25.80
CA ILE A 198 14.83 -22.07 -25.44
C ILE A 198 14.54 -20.75 -26.16
N LYS A 199 14.47 -19.70 -25.37
CA LYS A 199 14.18 -18.36 -25.85
C LYS A 199 15.14 -17.35 -25.21
N PRO A 200 15.41 -16.21 -25.84
CA PRO A 200 16.26 -15.19 -25.23
C PRO A 200 15.60 -14.68 -23.99
N LEU A 201 16.44 -14.16 -23.11
CA LEU A 201 16.02 -13.62 -21.81
C LEU A 201 15.67 -12.13 -21.95
N VAL A 202 14.39 -11.79 -21.91
CA VAL A 202 13.95 -10.41 -22.15
C VAL A 202 13.43 -9.68 -20.92
N TRP A 203 13.45 -10.32 -19.78
CA TRP A 203 12.82 -9.69 -18.63
C TRP A 203 13.76 -9.27 -17.51
N VAL A 204 15.04 -9.11 -17.76
CA VAL A 204 15.91 -8.63 -16.68
C VAL A 204 16.62 -7.34 -17.08
N HIS B 1 -8.96 4.00 -47.17
CA HIS B 1 -8.84 3.69 -45.73
C HIS B 1 -8.79 5.00 -44.94
N THR B 2 -8.88 4.88 -43.63
CA THR B 2 -8.97 6.04 -42.76
C THR B 2 -7.82 6.06 -41.74
N ASP B 3 -7.29 7.30 -41.55
CA ASP B 3 -6.23 7.55 -40.56
C ASP B 3 -6.84 7.96 -39.22
N LEU B 4 -6.70 7.07 -38.28
CA LEU B 4 -7.32 7.19 -36.95
C LEU B 4 -6.30 7.68 -35.92
N SER B 5 -5.16 8.21 -36.32
CA SER B 5 -4.12 8.72 -35.40
C SER B 5 -4.74 9.69 -34.40
N GLY B 6 -4.53 9.49 -33.14
CA GLY B 6 -4.95 10.48 -32.15
C GLY B 6 -6.44 10.31 -31.83
N LYS B 7 -7.04 9.25 -32.37
CA LYS B 7 -8.46 8.95 -32.12
C LYS B 7 -8.61 7.53 -31.58
N VAL B 8 -9.78 7.30 -31.03
CA VAL B 8 -10.11 6.06 -30.33
C VAL B 8 -11.57 5.70 -30.63
N PHE B 9 -11.90 4.43 -30.68
CA PHE B 9 -13.33 4.05 -30.79
C PHE B 9 -13.87 3.98 -29.37
N VAL B 10 -14.98 4.63 -29.13
CA VAL B 10 -15.64 4.56 -27.82
C VAL B 10 -16.83 3.62 -27.92
N PHE B 11 -16.82 2.51 -27.22
CA PHE B 11 -18.05 1.70 -27.13
C PHE B 11 -18.84 2.10 -25.90
N PRO B 12 -19.91 2.87 -26.00
CA PRO B 12 -20.29 3.73 -24.87
C PRO B 12 -21.21 3.01 -23.91
N ARG B 13 -21.61 1.81 -24.20
CA ARG B 13 -22.57 1.09 -23.38
C ARG B 13 -22.45 -0.42 -23.58
N GLU B 14 -23.02 -1.15 -22.65
CA GLU B 14 -23.08 -2.60 -22.73
C GLU B 14 -24.24 -2.95 -23.67
N SER B 15 -23.97 -3.88 -24.55
CA SER B 15 -24.96 -4.33 -25.54
C SER B 15 -24.51 -5.64 -26.19
N VAL B 16 -25.43 -6.16 -26.97
CA VAL B 16 -25.23 -7.41 -27.70
C VAL B 16 -25.24 -7.10 -29.20
N THR B 17 -25.16 -5.82 -29.48
CA THR B 17 -25.28 -5.32 -30.85
C THR B 17 -24.06 -4.50 -31.31
N ASP B 18 -23.68 -3.50 -30.61
CA ASP B 18 -22.61 -2.57 -31.02
C ASP B 18 -21.28 -3.30 -31.19
N HIS B 19 -20.67 -3.10 -32.34
CA HIS B 19 -19.35 -3.67 -32.65
C HIS B 19 -18.79 -3.01 -33.92
N VAL B 20 -17.54 -3.31 -34.20
CA VAL B 20 -16.83 -2.77 -35.38
C VAL B 20 -16.07 -3.90 -36.08
N ASN B 21 -16.27 -4.00 -37.38
CA ASN B 21 -15.62 -5.04 -38.20
C ASN B 21 -14.34 -4.47 -38.82
N LEU B 22 -13.24 -5.09 -38.45
CA LEU B 22 -11.95 -4.71 -39.05
C LEU B 22 -11.74 -5.53 -40.34
N ILE B 23 -11.36 -4.82 -41.37
CA ILE B 23 -11.23 -5.57 -42.63
C ILE B 23 -9.78 -5.61 -43.08
N THR B 24 -9.33 -6.82 -43.36
CA THR B 24 -7.99 -7.05 -43.89
C THR B 24 -8.04 -8.14 -44.93
N PRO B 25 -7.43 -7.96 -46.10
CA PRO B 25 -7.39 -8.99 -47.09
C PRO B 25 -6.37 -10.00 -46.69
N LEU B 26 -6.72 -10.82 -45.72
CA LEU B 26 -5.84 -11.88 -45.22
C LEU B 26 -6.17 -13.21 -45.90
N GLU B 27 -5.25 -13.61 -46.75
CA GLU B 27 -5.48 -14.79 -47.60
C GLU B 27 -4.51 -15.92 -47.25
N LYS B 28 -3.33 -15.68 -46.72
CA LYS B 28 -2.42 -16.79 -46.34
C LYS B 28 -2.61 -17.09 -44.85
N PRO B 29 -2.68 -18.36 -44.46
CA PRO B 29 -2.68 -18.68 -43.02
C PRO B 29 -1.48 -18.07 -42.34
N LEU B 30 -1.72 -17.65 -41.11
CA LEU B 30 -0.73 -16.90 -40.29
C LEU B 30 0.13 -17.91 -39.51
N GLN B 31 1.44 -17.74 -39.54
CA GLN B 31 2.33 -18.60 -38.74
C GLN B 31 2.91 -17.81 -37.57
N ASN B 32 3.13 -16.53 -37.80
CA ASN B 32 3.66 -15.51 -36.89
C ASN B 32 2.71 -14.31 -36.86
N PHE B 33 2.46 -13.74 -35.69
CA PHE B 33 1.85 -12.40 -35.63
C PHE B 33 2.33 -11.67 -34.40
N THR B 34 2.34 -10.31 -34.37
CA THR B 34 2.03 -9.68 -33.07
C THR B 34 0.95 -8.61 -33.25
N LEU B 35 0.16 -8.48 -32.22
CA LEU B 35 -1.01 -7.58 -32.15
C LEU B 35 -0.81 -6.61 -30.97
N CYS B 36 -0.79 -5.31 -31.18
CA CYS B 36 -0.69 -4.27 -30.16
C CYS B 36 -1.88 -3.32 -30.24
N PHE B 37 -2.41 -2.95 -29.08
CA PHE B 37 -3.44 -1.91 -29.03
C PHE B 37 -3.50 -1.30 -27.64
N ARG B 38 -4.20 -0.20 -27.50
CA ARG B 38 -4.40 0.46 -26.19
C ARG B 38 -5.86 0.32 -25.77
N ALA B 39 -6.14 0.12 -24.50
CA ALA B 39 -7.54 0.05 -24.08
C ALA B 39 -7.74 0.67 -22.70
N TYR B 40 -8.93 1.18 -22.54
CA TYR B 40 -9.30 1.89 -21.28
C TYR B 40 -10.74 1.53 -20.97
N SER B 41 -10.91 0.68 -19.98
CA SER B 41 -12.26 0.18 -19.58
C SER B 41 -12.36 0.16 -18.06
N ASP B 42 -13.52 0.37 -17.46
CA ASP B 42 -13.65 0.24 -16.01
C ASP B 42 -14.60 -0.88 -15.63
N LEU B 43 -14.82 -1.79 -16.55
CA LEU B 43 -15.49 -3.09 -16.46
C LEU B 43 -14.77 -4.00 -15.45
N SER B 44 -15.50 -4.61 -14.53
CA SER B 44 -14.87 -5.58 -13.63
C SER B 44 -15.01 -6.99 -14.18
N ARG B 45 -16.02 -7.24 -14.99
CA ARG B 45 -16.26 -8.58 -15.52
C ARG B 45 -15.24 -8.94 -16.58
N ALA B 46 -15.25 -10.19 -17.02
CA ALA B 46 -14.46 -10.64 -18.18
C ALA B 46 -14.95 -9.97 -19.45
N TYR B 47 -14.07 -9.71 -20.41
CA TYR B 47 -14.47 -9.13 -21.69
C TYR B 47 -13.53 -9.54 -22.81
N SER B 48 -14.08 -9.54 -24.02
CA SER B 48 -13.29 -9.76 -25.24
C SER B 48 -12.65 -8.45 -25.70
N LEU B 49 -11.36 -8.48 -26.01
CA LEU B 49 -10.66 -7.29 -26.53
C LEU B 49 -10.55 -7.36 -28.04
N PHE B 50 -10.39 -8.54 -28.60
CA PHE B 50 -10.12 -8.68 -30.05
C PHE B 50 -10.48 -10.09 -30.49
N SER B 51 -11.46 -10.19 -31.33
CA SER B 51 -12.11 -11.45 -31.70
C SER B 51 -11.93 -11.70 -33.20
N TYR B 52 -11.31 -12.80 -33.50
CA TYR B 52 -10.87 -13.20 -34.87
C TYR B 52 -11.30 -14.63 -35.12
N ASN B 53 -12.37 -14.85 -35.85
CA ASN B 53 -13.00 -16.15 -36.15
C ASN B 53 -12.84 -16.46 -37.64
N THR B 54 -12.73 -17.76 -38.01
CA THR B 54 -12.77 -18.05 -39.45
C THR B 54 -13.91 -19.03 -39.75
N GLN B 55 -14.01 -19.39 -41.02
CA GLN B 55 -15.06 -20.30 -41.48
C GLN B 55 -14.97 -21.63 -40.73
N GLY B 56 -16.04 -21.94 -39.98
CA GLY B 56 -16.12 -23.16 -39.17
C GLY B 56 -15.21 -23.19 -37.96
N ARG B 57 -14.53 -22.09 -37.66
CA ARG B 57 -13.61 -22.07 -36.51
C ARG B 57 -13.98 -20.94 -35.55
N ASP B 58 -14.39 -21.32 -34.36
CA ASP B 58 -14.56 -20.31 -33.29
C ASP B 58 -13.22 -20.05 -32.62
N ASN B 59 -12.96 -18.90 -32.08
CA ASN B 59 -11.82 -18.62 -31.19
C ASN B 59 -10.51 -18.99 -31.89
N GLU B 60 -10.40 -18.69 -33.16
CA GLU B 60 -9.19 -19.00 -33.96
C GLU B 60 -8.03 -18.12 -33.49
N LEU B 61 -8.38 -16.92 -33.10
CA LEU B 61 -7.53 -15.90 -32.45
C LEU B 61 -8.37 -14.99 -31.56
N LEU B 62 -8.30 -15.23 -30.26
CA LEU B 62 -9.10 -14.47 -29.27
C LEU B 62 -8.19 -13.91 -28.18
N VAL B 63 -8.19 -12.61 -28.00
CA VAL B 63 -7.50 -11.92 -26.89
C VAL B 63 -8.53 -11.48 -25.86
N TYR B 64 -8.45 -12.02 -24.67
CA TYR B 64 -9.61 -12.03 -23.75
C TYR B 64 -9.14 -11.59 -22.36
N LYS B 65 -9.85 -10.71 -21.67
CA LYS B 65 -9.49 -10.36 -20.29
C LYS B 65 -10.37 -11.08 -19.28
N GLU B 66 -9.78 -11.95 -18.48
CA GLU B 66 -10.53 -12.79 -17.53
C GLU B 66 -11.03 -11.91 -16.37
N ARG B 67 -10.07 -11.18 -15.84
CA ARG B 67 -10.24 -10.35 -14.65
C ARG B 67 -9.07 -9.39 -14.53
N VAL B 68 -9.11 -8.47 -13.58
CA VAL B 68 -7.99 -7.53 -13.41
C VAL B 68 -6.68 -8.29 -13.28
N GLY B 69 -5.70 -7.96 -14.09
CA GLY B 69 -4.38 -8.58 -13.91
C GLY B 69 -4.27 -9.92 -14.61
N GLU B 70 -5.24 -10.32 -15.40
CA GLU B 70 -5.22 -11.68 -15.99
C GLU B 70 -5.64 -11.61 -17.46
N TYR B 71 -4.73 -11.91 -18.37
CA TYR B 71 -5.03 -11.82 -19.83
C TYR B 71 -4.89 -13.20 -20.46
N SER B 72 -5.79 -13.48 -21.38
CA SER B 72 -5.77 -14.80 -22.04
C SER B 72 -5.67 -14.65 -23.55
N LEU B 73 -5.06 -15.65 -24.14
CA LEU B 73 -4.91 -15.73 -25.60
C LEU B 73 -5.34 -17.13 -26.06
N TYR B 74 -6.25 -17.12 -27.03
CA TYR B 74 -6.74 -18.34 -27.66
C TYR B 74 -6.18 -18.45 -29.08
N ILE B 75 -5.69 -19.62 -29.38
CA ILE B 75 -5.20 -19.96 -30.74
C ILE B 75 -5.82 -21.29 -31.11
N GLY B 76 -6.72 -21.24 -32.07
CA GLY B 76 -7.40 -22.43 -32.55
C GLY B 76 -8.12 -23.15 -31.40
N ARG B 77 -8.86 -22.35 -30.64
CA ARG B 77 -9.71 -22.81 -29.52
C ARG B 77 -8.88 -23.17 -28.26
N HIS B 78 -7.57 -23.17 -28.39
CA HIS B 78 -6.69 -23.43 -27.23
C HIS B 78 -6.40 -22.09 -26.56
N LYS B 79 -6.18 -22.15 -25.25
CA LYS B 79 -5.97 -20.93 -24.48
C LYS B 79 -4.92 -21.10 -23.40
N VAL B 80 -4.23 -19.99 -23.21
CA VAL B 80 -3.20 -19.79 -22.19
C VAL B 80 -3.53 -18.48 -21.45
N THR B 81 -3.06 -18.37 -20.23
CA THR B 81 -3.31 -17.17 -19.42
C THR B 81 -2.03 -16.76 -18.68
N SER B 82 -1.82 -15.46 -18.61
CA SER B 82 -0.64 -14.89 -17.93
C SER B 82 -1.05 -13.68 -17.09
N LYS B 83 -0.36 -13.58 -15.96
CA LYS B 83 -0.76 -12.62 -14.93
C LYS B 83 0.21 -11.44 -14.90
N VAL B 84 -0.30 -10.28 -14.53
CA VAL B 84 0.54 -9.09 -14.32
C VAL B 84 0.03 -8.31 -13.11
N ILE B 85 0.89 -7.62 -12.41
CA ILE B 85 0.45 -6.58 -11.47
C ILE B 85 -0.17 -5.39 -12.18
N GLU B 86 -1.42 -5.02 -11.88
CA GLU B 86 -1.94 -3.83 -12.53
C GLU B 86 -2.98 -3.13 -11.67
N LYS B 87 -3.07 -1.85 -11.95
CA LYS B 87 -4.01 -0.92 -11.34
C LYS B 87 -5.36 -0.92 -12.03
N PHE B 88 -6.39 -0.65 -11.26
CA PHE B 88 -7.76 -0.69 -11.80
C PHE B 88 -8.58 0.48 -11.26
N PRO B 89 -9.25 1.27 -12.07
CA PRO B 89 -9.17 1.24 -13.55
C PRO B 89 -7.94 1.99 -14.03
N ALA B 90 -7.30 1.54 -15.09
CA ALA B 90 -6.20 2.35 -15.68
C ALA B 90 -6.09 2.04 -17.17
N PRO B 91 -5.60 2.97 -17.99
CA PRO B 91 -5.27 2.67 -19.37
C PRO B 91 -4.22 1.59 -19.42
N VAL B 92 -4.32 0.76 -20.44
CA VAL B 92 -3.35 -0.33 -20.64
C VAL B 92 -2.96 -0.43 -22.12
N HIS B 93 -1.65 -0.52 -22.30
CA HIS B 93 -1.15 -0.89 -23.62
C HIS B 93 -0.79 -2.38 -23.65
N ILE B 94 -1.36 -3.13 -24.56
CA ILE B 94 -1.16 -4.60 -24.67
C ILE B 94 -0.46 -4.94 -25.99
N CYS B 95 0.59 -5.73 -26.00
CA CYS B 95 0.98 -6.43 -27.23
C CYS B 95 0.93 -7.94 -26.98
N VAL B 96 0.55 -8.76 -27.98
CA VAL B 96 0.82 -10.19 -27.80
C VAL B 96 1.25 -10.80 -29.14
N SER B 97 2.33 -11.57 -29.05
CA SER B 97 2.84 -12.25 -30.25
C SER B 97 2.66 -13.75 -30.13
N TRP B 98 2.56 -14.44 -31.24
CA TRP B 98 2.52 -15.91 -31.19
C TRP B 98 3.27 -16.50 -32.38
N GLU B 99 4.03 -17.53 -32.13
CA GLU B 99 5.01 -18.20 -32.98
C GLU B 99 4.60 -19.65 -33.21
N SER B 100 4.29 -20.05 -34.42
CA SER B 100 3.83 -21.42 -34.69
C SER B 100 4.92 -22.43 -34.38
N SER B 101 6.15 -22.13 -34.76
CA SER B 101 7.21 -23.14 -34.68
C SER B 101 7.53 -23.54 -33.26
N SER B 102 7.43 -22.62 -32.31
CA SER B 102 7.74 -22.93 -30.89
C SER B 102 6.44 -23.10 -30.12
N GLY B 103 5.38 -22.49 -30.63
CA GLY B 103 4.10 -22.37 -29.94
C GLY B 103 4.05 -21.20 -28.95
N ILE B 104 5.09 -20.41 -28.81
CA ILE B 104 5.22 -19.49 -27.68
C ILE B 104 4.33 -18.26 -27.90
N ALA B 105 3.51 -17.94 -26.92
CA ALA B 105 2.77 -16.68 -26.78
C ALA B 105 3.50 -15.72 -25.85
N GLU B 106 3.83 -14.54 -26.31
CA GLU B 106 4.34 -13.47 -25.42
C GLU B 106 3.26 -12.41 -25.20
N PHE B 107 2.98 -12.03 -23.97
CA PHE B 107 2.28 -10.78 -23.64
C PHE B 107 3.28 -9.71 -23.21
N TRP B 108 3.12 -8.51 -23.70
CA TRP B 108 3.70 -7.31 -23.09
C TRP B 108 2.60 -6.37 -22.62
N ILE B 109 2.61 -6.05 -21.34
CA ILE B 109 1.60 -5.15 -20.76
C ILE B 109 2.26 -3.89 -20.22
N ASN B 110 1.98 -2.76 -20.82
CA ASN B 110 2.66 -1.48 -20.59
C ASN B 110 4.18 -1.67 -20.65
N GLY B 111 4.66 -2.37 -21.67
CA GLY B 111 6.11 -2.46 -21.88
C GLY B 111 6.74 -3.57 -21.05
N THR B 112 5.98 -4.24 -20.20
CA THR B 112 6.60 -5.29 -19.37
C THR B 112 6.28 -6.66 -19.96
N PRO B 113 7.24 -7.56 -20.14
CA PRO B 113 6.88 -8.90 -20.64
C PRO B 113 6.34 -9.76 -19.52
N LEU B 114 5.20 -10.40 -19.76
CA LEU B 114 4.68 -11.44 -18.89
C LEU B 114 5.45 -12.75 -19.02
N VAL B 115 5.17 -13.72 -18.17
CA VAL B 115 5.77 -15.07 -18.33
C VAL B 115 5.31 -15.67 -19.66
N LYS B 116 6.22 -16.18 -20.47
CA LYS B 116 5.86 -16.88 -21.71
C LYS B 116 5.06 -18.14 -21.40
N LYS B 117 4.00 -18.36 -22.16
CA LYS B 117 3.25 -19.61 -22.19
C LYS B 117 3.28 -20.21 -23.61
N GLY B 118 2.75 -21.40 -23.81
CA GLY B 118 2.98 -22.08 -25.11
C GLY B 118 1.73 -22.83 -25.52
N LEU B 119 1.35 -22.77 -26.79
CA LEU B 119 0.17 -23.52 -27.24
C LEU B 119 0.15 -23.73 -28.75
N ARG B 120 -0.47 -24.77 -29.25
CA ARG B 120 -0.63 -25.04 -30.68
C ARG B 120 0.68 -24.97 -31.43
N GLN B 121 1.76 -25.53 -30.91
CA GLN B 121 3.00 -25.60 -31.69
C GLN B 121 2.74 -26.28 -33.03
N GLY B 122 2.89 -25.54 -34.16
CA GLY B 122 2.92 -26.16 -35.49
C GLY B 122 1.60 -25.91 -36.23
N TYR B 123 0.73 -25.19 -35.56
CA TYR B 123 -0.62 -24.83 -36.07
C TYR B 123 -0.51 -23.56 -36.92
N PHE B 124 -1.51 -23.37 -37.77
CA PHE B 124 -1.63 -22.15 -38.60
C PHE B 124 -3.02 -21.57 -38.41
N VAL B 125 -3.07 -20.35 -37.93
CA VAL B 125 -4.35 -19.67 -37.77
C VAL B 125 -4.79 -19.25 -39.16
N GLU B 126 -5.88 -19.89 -39.53
CA GLU B 126 -6.53 -19.80 -40.84
C GLU B 126 -6.84 -18.36 -41.25
N ALA B 127 -6.83 -18.18 -42.55
CA ALA B 127 -7.05 -16.89 -43.20
C ALA B 127 -8.55 -16.67 -43.47
N GLN B 128 -8.72 -15.47 -44.08
CA GLN B 128 -10.04 -14.89 -44.41
C GLN B 128 -10.87 -14.76 -43.14
N PRO B 129 -10.39 -14.03 -42.17
CA PRO B 129 -11.06 -13.86 -40.90
C PRO B 129 -12.16 -12.84 -40.92
N LYS B 130 -13.00 -13.01 -39.93
CA LYS B 130 -13.97 -12.00 -39.54
C LYS B 130 -13.39 -11.45 -38.25
N ILE B 131 -12.97 -10.21 -38.24
CA ILE B 131 -12.39 -9.63 -37.03
C ILE B 131 -13.31 -8.58 -36.43
N VAL B 132 -13.67 -8.77 -35.13
CA VAL B 132 -14.54 -7.76 -34.51
C VAL B 132 -13.94 -7.28 -33.18
N LEU B 133 -14.23 -6.01 -32.99
CA LEU B 133 -13.90 -5.23 -31.79
C LEU B 133 -15.22 -4.88 -31.10
N GLY B 134 -15.26 -5.03 -29.79
CA GLY B 134 -16.46 -4.64 -29.01
C GLY B 134 -17.33 -5.86 -28.64
N GLN B 135 -17.26 -6.94 -29.38
CA GLN B 135 -18.04 -8.15 -29.07
C GLN B 135 -17.19 -9.40 -29.25
N GLU B 136 -17.64 -10.47 -28.67
CA GLU B 136 -16.92 -11.77 -28.84
C GLU B 136 -17.72 -12.63 -29.83
N GLN B 137 -17.21 -13.04 -30.97
CA GLN B 137 -17.97 -13.81 -31.96
C GLN B 137 -18.17 -15.24 -31.46
N ASP B 138 -19.30 -15.95 -31.79
CA ASP B 138 -19.31 -17.41 -31.61
C ASP B 138 -19.55 -18.10 -32.95
N SER B 139 -19.75 -17.26 -33.94
CA SER B 139 -19.98 -17.71 -35.31
C SER B 139 -19.05 -16.92 -36.23
N TYR B 140 -19.13 -17.22 -37.50
CA TYR B 140 -18.30 -16.50 -38.48
C TYR B 140 -18.93 -15.14 -38.78
N GLY B 141 -18.67 -14.19 -37.88
CA GLY B 141 -19.14 -12.81 -37.97
C GLY B 141 -20.18 -12.45 -36.92
N GLY B 142 -20.65 -13.36 -36.08
CA GLY B 142 -21.71 -13.02 -35.14
C GLY B 142 -21.78 -13.91 -33.92
N LYS B 143 -23.01 -14.12 -33.47
CA LYS B 143 -23.28 -14.84 -32.23
C LYS B 143 -22.65 -14.20 -31.03
N PHE B 144 -22.96 -12.93 -30.82
CA PHE B 144 -22.33 -12.12 -29.76
C PHE B 144 -22.95 -12.47 -28.41
N ASP B 145 -22.30 -12.05 -27.34
CA ASP B 145 -22.79 -12.37 -25.98
C ASP B 145 -22.60 -11.15 -25.09
N ARG B 146 -23.66 -10.57 -24.57
CA ARG B 146 -23.64 -9.28 -23.88
C ARG B 146 -22.63 -9.26 -22.75
N SER B 147 -22.43 -10.39 -22.09
CA SER B 147 -21.60 -10.51 -20.89
C SER B 147 -20.13 -10.64 -21.26
N GLN B 148 -19.81 -10.70 -22.54
CA GLN B 148 -18.38 -10.59 -22.88
C GLN B 148 -18.12 -9.37 -23.73
N SER B 149 -19.10 -8.53 -23.89
CA SER B 149 -19.00 -7.29 -24.65
C SER B 149 -18.06 -6.31 -23.98
N PHE B 150 -17.37 -5.54 -24.79
CA PHE B 150 -16.39 -4.53 -24.39
C PHE B 150 -17.06 -3.16 -24.31
N VAL B 151 -16.98 -2.57 -23.14
CA VAL B 151 -17.39 -1.18 -22.91
C VAL B 151 -16.18 -0.34 -22.50
N GLY B 152 -15.91 0.70 -23.26
CA GLY B 152 -14.65 1.45 -23.02
C GLY B 152 -14.05 1.92 -24.34
N GLU B 153 -12.79 2.17 -24.37
CA GLU B 153 -12.17 2.85 -25.52
C GLU B 153 -10.99 2.03 -26.03
N ILE B 154 -10.93 1.86 -27.35
CA ILE B 154 -9.79 1.21 -28.00
C ILE B 154 -9.15 2.11 -29.04
N GLY B 155 -7.83 2.09 -29.13
CA GLY B 155 -7.14 2.79 -30.22
C GLY B 155 -5.72 2.23 -30.38
N ASP B 156 -4.98 2.92 -31.22
CA ASP B 156 -3.58 2.62 -31.55
C ASP B 156 -3.36 1.11 -31.70
N LEU B 157 -4.19 0.51 -32.61
CA LEU B 157 -4.31 -0.90 -32.99
C LEU B 157 -3.48 -1.18 -34.25
N TYR B 158 -2.52 -2.07 -34.10
CA TYR B 158 -1.63 -2.50 -35.20
C TYR B 158 -1.40 -4.01 -35.14
N MET B 159 -1.35 -4.62 -36.31
CA MET B 159 -1.11 -6.07 -36.40
C MET B 159 -0.12 -6.36 -37.54
N TRP B 160 0.90 -7.09 -37.12
CA TRP B 160 2.03 -7.45 -37.99
C TRP B 160 1.99 -8.96 -38.26
N ASP B 161 2.52 -9.37 -39.41
CA ASP B 161 2.58 -10.81 -39.75
C ASP B 161 3.95 -11.37 -39.36
N SER B 162 4.56 -10.78 -38.34
CA SER B 162 5.81 -11.32 -37.76
C SER B 162 5.79 -11.19 -36.24
N VAL B 163 6.70 -11.77 -35.57
CA VAL B 163 6.93 -11.54 -34.13
C VAL B 163 7.90 -10.36 -33.95
N LEU B 164 7.41 -9.32 -33.28
CA LEU B 164 8.22 -8.12 -33.02
C LEU B 164 9.22 -8.37 -31.90
N PRO B 165 10.48 -7.94 -32.03
CA PRO B 165 11.45 -8.06 -30.98
C PRO B 165 11.13 -7.00 -29.96
N PRO B 166 11.64 -7.12 -28.73
CA PRO B 166 11.32 -6.20 -27.63
C PRO B 166 11.33 -4.74 -28.01
N GLU B 167 12.36 -4.33 -28.72
CA GLU B 167 12.55 -2.91 -29.10
C GLU B 167 11.38 -2.39 -29.94
N ASN B 168 10.76 -3.21 -30.73
CA ASN B 168 9.63 -2.81 -31.60
C ASN B 168 8.32 -2.85 -30.81
N ILE B 169 8.37 -3.64 -29.70
CA ILE B 169 7.28 -3.56 -28.71
C ILE B 169 7.32 -2.27 -27.91
N LEU B 170 8.49 -1.79 -27.52
CA LEU B 170 8.62 -0.55 -26.76
C LEU B 170 8.29 0.67 -27.63
N SER B 171 8.71 0.67 -28.88
CA SER B 171 8.38 1.72 -29.83
C SER B 171 6.87 1.90 -29.95
N ALA B 172 6.15 0.81 -30.13
CA ALA B 172 4.68 0.86 -30.22
C ALA B 172 4.11 1.45 -28.93
N TYR B 173 4.62 0.95 -27.83
CA TYR B 173 4.28 1.40 -26.48
C TYR B 173 4.48 2.89 -26.32
N GLN B 174 5.65 3.40 -26.75
CA GLN B 174 5.88 4.84 -26.57
C GLN B 174 5.40 5.62 -27.78
N GLY B 175 4.58 5.12 -28.68
CA GLY B 175 3.82 6.08 -29.49
C GLY B 175 4.38 6.14 -30.91
N THR B 176 5.45 5.34 -31.21
CA THR B 176 6.02 5.38 -32.56
C THR B 176 6.22 3.96 -33.09
N PRO B 177 5.15 3.29 -33.48
CA PRO B 177 5.21 1.91 -33.94
C PRO B 177 5.59 1.81 -35.39
N LEU B 178 6.06 0.61 -35.69
CA LEU B 178 6.43 0.16 -37.04
C LEU B 178 5.16 0.05 -37.87
N PRO B 179 5.13 0.46 -39.14
CA PRO B 179 3.95 0.32 -39.95
C PRO B 179 3.63 -1.14 -40.06
N ALA B 180 2.39 -1.45 -39.75
CA ALA B 180 1.89 -2.83 -39.78
C ALA B 180 1.29 -3.15 -41.15
N ASN B 181 1.32 -4.44 -41.50
CA ASN B 181 0.82 -4.88 -42.82
C ASN B 181 -0.57 -5.55 -42.75
N ILE B 182 -0.93 -6.14 -41.62
CA ILE B 182 -2.25 -6.79 -41.51
C ILE B 182 -3.32 -5.77 -41.07
N LEU B 183 -2.99 -5.06 -40.00
CA LEU B 183 -3.88 -4.03 -39.44
C LEU B 183 -3.08 -2.79 -39.07
N ASP B 184 -3.39 -1.56 -39.51
CA ASP B 184 -2.64 -0.34 -39.14
C ASP B 184 -3.63 0.77 -38.81
N TRP B 185 -3.57 1.34 -37.63
CA TRP B 185 -4.49 2.37 -37.10
C TRP B 185 -4.44 3.61 -38.00
N GLN B 186 -3.37 3.80 -38.74
CA GLN B 186 -3.24 5.01 -39.57
C GLN B 186 -3.63 4.71 -41.01
N ALA B 187 -3.96 3.48 -41.32
CA ALA B 187 -4.53 3.14 -42.63
C ALA B 187 -5.57 2.04 -42.48
N LEU B 188 -6.67 2.36 -41.81
CA LEU B 188 -7.56 1.30 -41.29
C LEU B 188 -8.80 1.17 -42.16
N ASN B 189 -9.24 -0.04 -42.41
CA ASN B 189 -10.55 -0.22 -43.06
C ASN B 189 -11.53 -0.88 -42.10
N TYR B 190 -12.61 -0.19 -41.75
CA TYR B 190 -13.49 -0.66 -40.67
C TYR B 190 -14.95 -0.36 -41.04
N GLU B 191 -15.88 -1.16 -40.58
CA GLU B 191 -17.30 -0.79 -40.53
C GLU B 191 -17.77 -0.72 -39.07
N ILE B 192 -18.32 0.43 -38.74
CA ILE B 192 -19.06 0.60 -37.49
C ILE B 192 -20.48 0.07 -37.60
N ARG B 193 -20.86 -0.80 -36.69
CA ARG B 193 -22.25 -1.28 -36.60
C ARG B 193 -22.81 -0.97 -35.22
N GLY B 194 -23.87 -0.20 -35.16
CA GLY B 194 -24.47 0.13 -33.86
C GLY B 194 -23.85 1.39 -33.25
N TYR B 195 -24.01 1.53 -31.96
CA TYR B 195 -23.58 2.69 -31.17
C TYR B 195 -22.11 2.61 -30.84
N VAL B 196 -21.30 3.17 -31.70
CA VAL B 196 -19.88 3.40 -31.40
C VAL B 196 -19.47 4.73 -32.04
N ILE B 197 -18.75 5.46 -31.23
CA ILE B 197 -18.34 6.82 -31.53
C ILE B 197 -16.82 6.94 -31.61
N ILE B 198 -16.33 7.76 -32.51
CA ILE B 198 -14.91 8.08 -32.64
C ILE B 198 -14.64 9.44 -31.97
N LYS B 199 -13.63 9.44 -31.10
CA LYS B 199 -13.28 10.63 -30.27
C LYS B 199 -11.76 10.79 -30.15
N PRO B 200 -11.23 11.98 -29.83
CA PRO B 200 -9.80 12.15 -29.64
C PRO B 200 -9.39 11.33 -28.46
N LEU B 201 -8.17 10.83 -28.59
CA LEU B 201 -7.54 9.99 -27.56
C LEU B 201 -6.92 10.88 -26.49
N VAL B 202 -7.69 11.11 -25.39
CA VAL B 202 -7.28 12.17 -24.46
C VAL B 202 -6.62 11.59 -23.24
N TRP B 203 -6.49 10.30 -23.25
CA TRP B 203 -5.96 9.70 -22.07
C TRP B 203 -4.55 9.12 -22.25
N VAL B 204 -3.84 9.44 -23.31
CA VAL B 204 -2.44 8.95 -23.41
C VAL B 204 -1.46 10.13 -23.51
N HIS C 1 -24.97 38.34 -9.33
CA HIS C 1 -23.62 38.75 -9.73
C HIS C 1 -22.78 38.98 -8.47
N THR C 2 -22.65 37.91 -7.72
CA THR C 2 -21.83 37.88 -6.51
C THR C 2 -20.58 37.06 -6.83
N ASP C 3 -19.44 37.68 -6.64
CA ASP C 3 -18.16 37.03 -6.93
C ASP C 3 -17.71 36.20 -5.72
N LEU C 4 -17.86 34.91 -5.81
CA LEU C 4 -17.52 34.00 -4.71
C LEU C 4 -16.09 33.48 -4.85
N SER C 5 -15.21 34.08 -5.62
CA SER C 5 -13.88 33.46 -5.75
C SER C 5 -13.14 33.42 -4.43
N GLY C 6 -12.37 32.36 -4.21
CA GLY C 6 -11.66 32.12 -2.96
C GLY C 6 -12.58 31.67 -1.85
N LYS C 7 -13.84 31.41 -2.16
CA LYS C 7 -14.86 31.12 -1.16
C LYS C 7 -15.56 29.81 -1.45
N VAL C 8 -16.06 29.19 -0.32
CA VAL C 8 -16.91 28.01 -0.56
C VAL C 8 -18.23 28.12 0.20
N PHE C 9 -19.22 27.40 -0.19
CA PHE C 9 -20.38 27.05 0.63
C PHE C 9 -20.11 25.82 1.49
N VAL C 10 -20.37 25.91 2.78
CA VAL C 10 -20.25 24.74 3.65
C VAL C 10 -21.61 24.37 4.22
N PHE C 11 -21.91 23.11 4.01
CA PHE C 11 -23.09 22.46 4.55
C PHE C 11 -22.58 21.73 5.78
N PRO C 12 -22.79 22.25 7.01
CA PRO C 12 -22.01 21.85 8.17
C PRO C 12 -22.64 20.69 8.87
N ARG C 13 -23.87 20.36 8.49
CA ARG C 13 -24.57 19.23 9.12
C ARG C 13 -25.44 18.49 8.10
N GLU C 14 -25.90 17.33 8.54
CA GLU C 14 -26.83 16.51 7.76
C GLU C 14 -28.24 16.96 8.07
N SER C 15 -29.06 16.96 7.05
CA SER C 15 -30.45 17.40 7.14
C SER C 15 -31.16 17.23 5.81
N VAL C 16 -32.46 17.49 5.87
CA VAL C 16 -33.32 17.46 4.69
C VAL C 16 -33.90 18.84 4.47
N THR C 17 -33.15 19.82 4.95
CA THR C 17 -33.61 21.21 4.91
C THR C 17 -32.57 22.16 4.27
N ASP C 18 -31.36 22.14 4.78
CA ASP C 18 -30.30 23.03 4.29
C ASP C 18 -30.03 22.77 2.80
N HIS C 19 -29.94 23.90 2.07
CA HIS C 19 -29.59 23.84 0.65
C HIS C 19 -29.53 25.23 0.06
N VAL C 20 -28.84 25.36 -1.04
CA VAL C 20 -28.83 26.63 -1.75
C VAL C 20 -29.31 26.38 -3.18
N ASN C 21 -30.11 27.33 -3.61
CA ASN C 21 -30.69 27.36 -4.95
C ASN C 21 -29.81 28.22 -5.86
N LEU C 22 -29.41 27.65 -6.96
CA LEU C 22 -28.56 28.40 -7.94
C LEU C 22 -29.46 28.96 -9.04
N ILE C 23 -29.34 30.29 -9.32
CA ILE C 23 -30.42 30.78 -10.18
C ILE C 23 -29.82 31.24 -11.52
N THR C 24 -30.45 30.75 -12.58
CA THR C 24 -30.06 31.05 -13.97
C THR C 24 -31.31 31.09 -14.85
N PRO C 25 -31.49 32.11 -15.67
CA PRO C 25 -32.67 32.26 -16.49
C PRO C 25 -32.58 31.46 -17.76
N LEU C 26 -32.12 30.23 -17.63
CA LEU C 26 -31.97 29.31 -18.78
C LEU C 26 -33.35 29.06 -19.41
N GLU C 27 -33.60 29.46 -20.71
CA GLU C 27 -34.92 29.37 -21.34
C GLU C 27 -34.90 28.37 -22.48
N LYS C 28 -33.74 27.96 -22.89
CA LYS C 28 -33.55 27.17 -24.16
C LYS C 28 -32.95 25.82 -23.77
N PRO C 29 -33.49 24.70 -24.23
CA PRO C 29 -32.98 23.39 -23.77
C PRO C 29 -31.50 23.23 -24.01
N LEU C 30 -30.84 22.39 -23.23
CA LEU C 30 -29.41 22.15 -23.37
C LEU C 30 -29.14 20.98 -24.34
N GLN C 31 -28.29 21.29 -25.35
CA GLN C 31 -27.81 20.19 -26.21
C GLN C 31 -26.43 19.73 -25.75
N ASN C 32 -25.61 20.70 -25.36
CA ASN C 32 -24.24 20.45 -24.87
C ASN C 32 -24.05 21.15 -23.52
N PHE C 33 -23.23 20.60 -22.63
CA PHE C 33 -22.76 21.31 -21.44
C PHE C 33 -21.46 20.71 -20.92
N THR C 34 -20.75 21.53 -20.17
CA THR C 34 -19.71 21.20 -19.21
C THR C 34 -20.03 21.82 -17.85
N LEU C 35 -19.82 21.03 -16.82
CA LEU C 35 -20.01 21.48 -15.42
C LEU C 35 -18.76 21.14 -14.62
N CYS C 36 -18.10 22.11 -14.01
CA CYS C 36 -16.95 21.83 -13.13
C CYS C 36 -17.22 22.38 -11.74
N PHE C 37 -16.76 21.68 -10.75
CA PHE C 37 -16.75 22.25 -9.38
C PHE C 37 -15.70 21.53 -8.54
N ARG C 38 -15.36 22.06 -7.40
CA ARG C 38 -14.60 21.34 -6.36
C ARG C 38 -15.55 20.89 -5.24
N ALA C 39 -15.27 19.75 -4.65
CA ALA C 39 -15.98 19.40 -3.42
C ALA C 39 -15.06 18.77 -2.40
N TYR C 40 -15.45 18.87 -1.13
CA TYR C 40 -14.64 18.30 -0.04
C TYR C 40 -15.60 17.68 0.98
N SER C 41 -15.61 16.37 1.14
CA SER C 41 -16.62 15.70 1.99
C SER C 41 -16.02 14.45 2.62
N ASP C 42 -16.41 14.11 3.83
CA ASP C 42 -15.93 12.84 4.39
C ASP C 42 -17.09 11.92 4.73
N LEU C 43 -18.23 12.19 4.12
CA LEU C 43 -19.38 11.28 3.99
C LEU C 43 -18.94 9.97 3.30
N SER C 44 -19.42 8.85 3.79
CA SER C 44 -19.05 7.55 3.17
C SER C 44 -20.22 7.02 2.36
N ARG C 45 -21.42 7.44 2.73
CA ARG C 45 -22.65 7.15 2.02
C ARG C 45 -22.72 7.92 0.70
N ALA C 46 -23.66 7.55 -0.13
CA ALA C 46 -23.99 8.21 -1.40
C ALA C 46 -24.54 9.61 -1.13
N TYR C 47 -24.25 10.53 -2.01
CA TYR C 47 -24.77 11.89 -1.94
C TYR C 47 -24.90 12.52 -3.30
N SER C 48 -25.80 13.47 -3.41
CA SER C 48 -26.01 14.29 -4.61
C SER C 48 -25.03 15.46 -4.62
N LEU C 49 -24.30 15.65 -5.70
CA LEU C 49 -23.40 16.79 -5.87
C LEU C 49 -24.10 17.98 -6.54
N PHE C 50 -25.01 17.75 -7.46
CA PHE C 50 -25.62 18.80 -8.30
C PHE C 50 -26.92 18.28 -8.90
N SER C 51 -28.04 18.87 -8.50
CA SER C 51 -29.43 18.45 -8.73
C SER C 51 -30.16 19.53 -9.55
N TYR C 52 -30.43 19.14 -10.80
CA TYR C 52 -31.07 19.99 -11.85
C TYR C 52 -32.37 19.27 -12.30
N ASN C 53 -33.49 19.78 -11.79
CA ASN C 53 -34.85 19.23 -12.08
C ASN C 53 -35.68 20.28 -12.82
N THR C 54 -36.60 19.81 -13.64
CA THR C 54 -37.51 20.70 -14.40
C THR C 54 -38.96 20.31 -14.10
N GLN C 55 -39.89 21.15 -14.47
CA GLN C 55 -41.30 20.91 -14.13
C GLN C 55 -41.73 19.52 -14.61
N GLY C 56 -42.05 18.67 -13.64
CA GLY C 56 -42.59 17.34 -13.91
C GLY C 56 -41.53 16.33 -14.30
N ARG C 57 -40.26 16.71 -14.21
CA ARG C 57 -39.19 15.81 -14.63
C ARG C 57 -38.12 15.71 -13.56
N ASP C 58 -37.99 14.55 -12.97
CA ASP C 58 -36.96 14.26 -11.95
C ASP C 58 -35.63 13.93 -12.61
N ASN C 59 -34.52 14.31 -12.01
CA ASN C 59 -33.19 13.86 -12.44
C ASN C 59 -32.95 14.20 -13.91
N GLU C 60 -33.41 15.38 -14.27
CA GLU C 60 -33.16 15.91 -15.63
C GLU C 60 -31.67 16.04 -15.87
N LEU C 61 -30.94 16.45 -14.83
CA LEU C 61 -29.48 16.44 -14.87
C LEU C 61 -28.92 16.45 -13.44
N LEU C 62 -28.29 15.29 -13.10
CA LEU C 62 -27.92 14.97 -11.68
C LEU C 62 -26.50 14.42 -11.64
N VAL C 63 -25.60 15.06 -10.91
CA VAL C 63 -24.30 14.43 -10.62
C VAL C 63 -24.29 13.84 -9.22
N TYR C 64 -24.03 12.56 -9.14
CA TYR C 64 -24.30 11.75 -7.94
C TYR C 64 -23.02 10.99 -7.58
N LYS C 65 -22.62 11.01 -6.32
CA LYS C 65 -21.52 10.10 -5.94
C LYS C 65 -22.08 8.86 -5.27
N GLU C 66 -21.82 7.72 -5.86
CA GLU C 66 -22.43 6.44 -5.44
C GLU C 66 -21.76 5.95 -4.16
N ARG C 67 -20.46 6.13 -4.12
CA ARG C 67 -19.50 5.59 -3.17
C ARG C 67 -18.09 6.02 -3.56
N VAL C 68 -17.08 5.85 -2.74
CA VAL C 68 -15.69 6.23 -3.05
C VAL C 68 -15.29 5.64 -4.39
N GLY C 69 -14.73 6.43 -5.29
CA GLY C 69 -14.19 5.94 -6.56
C GLY C 69 -15.23 5.89 -7.68
N GLU C 70 -16.45 6.32 -7.47
CA GLU C 70 -17.56 5.95 -8.38
C GLU C 70 -18.50 7.12 -8.61
N TYR C 71 -18.57 7.68 -9.82
CA TYR C 71 -19.42 8.85 -10.09
C TYR C 71 -20.46 8.51 -11.14
N SER C 72 -21.62 9.10 -10.95
CA SER C 72 -22.76 8.91 -11.84
C SER C 72 -23.28 10.25 -12.35
N LEU C 73 -23.75 10.18 -13.57
CA LEU C 73 -24.38 11.30 -14.25
C LEU C 73 -25.71 10.85 -14.83
N TYR C 74 -26.75 11.54 -14.44
CA TYR C 74 -28.08 11.27 -14.98
C TYR C 74 -28.46 12.35 -15.99
N ILE C 75 -28.83 11.92 -17.13
CA ILE C 75 -29.46 12.79 -18.14
C ILE C 75 -30.84 12.26 -18.49
N GLY C 76 -31.83 13.05 -18.15
CA GLY C 76 -33.24 12.71 -18.43
C GLY C 76 -33.60 11.33 -17.84
N ARG C 77 -33.26 11.19 -16.56
CA ARG C 77 -33.57 9.98 -15.77
C ARG C 77 -32.75 8.78 -16.24
N HIS C 78 -31.88 8.92 -17.19
CA HIS C 78 -30.95 7.86 -17.61
C HIS C 78 -29.64 8.10 -16.85
N LYS C 79 -28.88 7.05 -16.62
CA LYS C 79 -27.65 7.19 -15.84
C LYS C 79 -26.53 6.30 -16.36
N VAL C 80 -25.36 6.88 -16.26
CA VAL C 80 -24.07 6.27 -16.61
C VAL C 80 -23.12 6.46 -15.43
N THR C 81 -22.30 5.46 -15.17
CA THR C 81 -21.35 5.49 -14.04
C THR C 81 -19.93 5.13 -14.50
N SER C 82 -18.96 5.82 -13.91
CA SER C 82 -17.54 5.61 -14.21
C SER C 82 -16.74 5.63 -12.91
N LYS C 83 -15.67 4.84 -12.91
CA LYS C 83 -14.80 4.70 -11.73
C LYS C 83 -13.42 5.32 -11.94
N VAL C 84 -12.83 5.62 -10.81
CA VAL C 84 -11.48 6.19 -10.71
C VAL C 84 -10.86 5.80 -9.38
N ILE C 85 -9.55 5.68 -9.38
CA ILE C 85 -8.79 5.40 -8.15
C ILE C 85 -8.79 6.71 -7.36
N GLU C 86 -9.18 6.61 -6.11
CA GLU C 86 -9.41 7.79 -5.27
C GLU C 86 -9.05 7.54 -3.80
N LYS C 87 -8.60 8.61 -3.18
CA LYS C 87 -8.28 8.62 -1.75
C LYS C 87 -9.51 9.12 -1.00
N PHE C 88 -9.66 8.63 0.21
CA PHE C 88 -10.78 9.03 1.07
C PHE C 88 -10.29 9.30 2.49
N PRO C 89 -10.65 10.43 3.10
CA PRO C 89 -11.25 11.58 2.44
C PRO C 89 -10.21 12.41 1.72
N ALA C 90 -10.65 13.12 0.70
CA ALA C 90 -9.75 13.98 -0.10
C ALA C 90 -10.57 15.04 -0.83
N PRO C 91 -10.06 16.25 -1.00
CA PRO C 91 -10.74 17.22 -1.88
C PRO C 91 -10.77 16.69 -3.32
N VAL C 92 -11.79 17.10 -4.05
CA VAL C 92 -11.86 16.69 -5.45
C VAL C 92 -12.29 17.83 -6.36
N HIS C 93 -11.63 17.82 -7.55
CA HIS C 93 -12.14 18.64 -8.65
C HIS C 93 -12.86 17.76 -9.68
N ILE C 94 -14.11 18.08 -9.96
CA ILE C 94 -14.96 17.35 -10.90
C ILE C 94 -15.37 18.25 -12.07
N CYS C 95 -15.07 17.85 -13.30
CA CYS C 95 -15.78 18.31 -14.50
C CYS C 95 -16.61 17.17 -15.09
N VAL C 96 -17.82 17.48 -15.52
CA VAL C 96 -18.46 16.53 -16.45
C VAL C 96 -19.06 17.26 -17.63
N SER C 97 -18.92 16.66 -18.80
CA SER C 97 -19.55 17.22 -20.01
C SER C 97 -20.40 16.17 -20.71
N TRP C 98 -21.38 16.63 -21.46
CA TRP C 98 -22.27 15.76 -22.22
C TRP C 98 -22.61 16.40 -23.57
N GLU C 99 -22.74 15.60 -24.60
CA GLU C 99 -23.20 16.13 -25.88
C GLU C 99 -24.20 15.21 -26.54
N SER C 100 -25.33 15.81 -26.84
CA SER C 100 -26.52 15.17 -27.38
C SER C 100 -26.21 14.42 -28.66
N SER C 101 -25.45 15.00 -29.56
CA SER C 101 -25.27 14.37 -30.89
C SER C 101 -24.63 13.01 -30.77
N SER C 102 -23.68 12.86 -29.85
CA SER C 102 -23.03 11.55 -29.67
C SER C 102 -23.61 10.83 -28.46
N GLY C 103 -24.29 11.51 -27.57
CA GLY C 103 -24.63 11.00 -26.24
C GLY C 103 -23.43 10.83 -25.33
N ILE C 104 -22.28 11.38 -25.62
CA ILE C 104 -21.12 10.96 -24.83
C ILE C 104 -20.95 11.84 -23.59
N ALA C 105 -20.75 11.14 -22.48
CA ALA C 105 -20.50 11.76 -21.17
C ALA C 105 -19.01 11.55 -20.83
N GLU C 106 -18.39 12.62 -20.38
CA GLU C 106 -16.95 12.67 -20.08
C GLU C 106 -16.68 13.20 -18.67
N PHE C 107 -16.09 12.38 -17.83
CA PHE C 107 -15.74 12.79 -16.46
C PHE C 107 -14.23 13.04 -16.36
N TRP C 108 -13.90 14.13 -15.69
CA TRP C 108 -12.50 14.50 -15.41
C TRP C 108 -12.32 14.75 -13.92
N ILE C 109 -11.68 13.85 -13.25
CA ILE C 109 -11.50 13.91 -11.78
C ILE C 109 -10.06 14.31 -11.50
N ASN C 110 -9.89 15.47 -10.88
CA ASN C 110 -8.56 16.00 -10.56
C ASN C 110 -7.68 15.96 -11.82
N GLY C 111 -8.26 16.30 -12.96
CA GLY C 111 -7.45 16.41 -14.19
C GLY C 111 -7.32 15.09 -14.93
N THR C 112 -7.87 14.00 -14.43
CA THR C 112 -7.73 12.68 -15.06
C THR C 112 -9.01 12.32 -15.80
N PRO C 113 -8.96 11.93 -17.06
CA PRO C 113 -10.22 11.58 -17.76
C PRO C 113 -10.66 10.18 -17.37
N LEU C 114 -11.91 10.02 -16.97
CA LEU C 114 -12.46 8.66 -16.76
C LEU C 114 -12.84 8.05 -18.11
N VAL C 115 -13.24 6.80 -18.16
CA VAL C 115 -13.69 6.18 -19.43
C VAL C 115 -14.98 6.84 -19.88
N LYS C 116 -15.08 7.20 -21.15
CA LYS C 116 -16.33 7.79 -21.67
C LYS C 116 -17.43 6.72 -21.68
N LYS C 117 -18.62 7.16 -21.38
CA LYS C 117 -19.85 6.37 -21.48
C LYS C 117 -20.87 7.18 -22.31
N GLY C 118 -22.00 6.61 -22.65
CA GLY C 118 -22.96 7.39 -23.45
C GLY C 118 -24.38 7.03 -23.07
N LEU C 119 -25.23 8.01 -23.23
CA LEU C 119 -26.66 7.93 -22.92
C LEU C 119 -27.41 9.08 -23.62
N ARG C 120 -28.69 8.91 -23.87
CA ARG C 120 -29.62 9.94 -24.29
C ARG C 120 -29.17 10.65 -25.54
N GLN C 121 -28.51 9.99 -26.43
CA GLN C 121 -28.14 10.56 -27.73
C GLN C 121 -29.38 11.14 -28.43
N GLY C 122 -29.27 12.42 -28.77
CA GLY C 122 -30.33 13.15 -29.52
C GLY C 122 -31.35 13.81 -28.59
N TYR C 123 -31.12 13.70 -27.30
CA TYR C 123 -32.02 14.27 -26.28
C TYR C 123 -31.57 15.71 -25.93
N PHE C 124 -32.54 16.55 -25.57
CA PHE C 124 -32.28 17.95 -25.14
C PHE C 124 -32.81 18.15 -23.70
N VAL C 125 -31.90 18.33 -22.75
CA VAL C 125 -32.32 18.56 -21.34
C VAL C 125 -33.09 19.89 -21.28
N GLU C 126 -34.25 19.83 -20.67
CA GLU C 126 -35.21 20.93 -20.68
C GLU C 126 -34.65 22.14 -19.92
N ALA C 127 -35.24 23.28 -20.24
CA ALA C 127 -34.89 24.58 -19.66
C ALA C 127 -35.83 24.89 -18.49
N GLN C 128 -35.60 26.06 -17.91
CA GLN C 128 -36.37 26.51 -16.74
C GLN C 128 -36.19 25.52 -15.60
N PRO C 129 -34.96 25.19 -15.21
CA PRO C 129 -34.69 24.22 -14.18
C PRO C 129 -34.59 24.86 -12.83
N LYS C 130 -34.59 23.98 -11.86
CA LYS C 130 -34.44 24.34 -10.45
C LYS C 130 -33.25 23.57 -9.88
N ILE C 131 -32.17 24.33 -9.79
CA ILE C 131 -30.86 23.80 -9.43
C ILE C 131 -30.58 23.99 -7.95
N VAL C 132 -30.36 22.88 -7.28
CA VAL C 132 -30.05 22.89 -5.86
C VAL C 132 -28.75 22.15 -5.57
N LEU C 133 -28.10 22.74 -4.60
CA LEU C 133 -26.83 22.30 -4.03
C LEU C 133 -27.10 21.91 -2.57
N GLY C 134 -26.52 20.82 -2.14
CA GLY C 134 -26.66 20.33 -0.75
C GLY C 134 -27.71 19.23 -0.66
N GLN C 135 -28.85 19.33 -1.36
CA GLN C 135 -29.93 18.31 -1.30
C GLN C 135 -30.20 17.77 -2.71
N GLU C 136 -30.93 16.67 -2.73
CA GLU C 136 -31.33 16.01 -3.98
C GLU C 136 -32.84 16.17 -4.15
N GLN C 137 -33.24 16.84 -5.23
CA GLN C 137 -34.66 17.11 -5.51
C GLN C 137 -35.39 15.88 -6.07
N ASP C 138 -36.64 15.74 -5.65
CA ASP C 138 -37.52 14.67 -6.13
C ASP C 138 -38.81 15.29 -6.68
N SER C 139 -38.76 16.61 -6.57
CA SER C 139 -39.77 17.47 -7.20
C SER C 139 -39.11 18.73 -7.75
N TYR C 140 -39.92 19.65 -8.20
CA TYR C 140 -39.43 20.89 -8.83
C TYR C 140 -39.09 21.91 -7.75
N GLY C 141 -37.92 21.78 -7.17
CA GLY C 141 -37.46 22.58 -6.04
C GLY C 141 -37.50 21.87 -4.71
N GLY C 142 -37.90 20.62 -4.60
CA GLY C 142 -38.14 20.05 -3.26
C GLY C 142 -38.13 18.54 -3.23
N LYS C 143 -38.85 17.95 -2.29
CA LYS C 143 -38.87 16.51 -2.01
C LYS C 143 -37.45 16.00 -1.80
N PHE C 144 -36.81 16.58 -0.82
CA PHE C 144 -35.44 16.29 -0.42
C PHE C 144 -35.34 14.98 0.32
N ASP C 145 -34.16 14.40 0.33
CA ASP C 145 -33.92 13.11 0.99
C ASP C 145 -32.68 13.18 1.85
N ARG C 146 -32.84 12.98 3.14
CA ARG C 146 -31.77 13.14 4.14
C ARG C 146 -30.56 12.29 3.77
N SER C 147 -30.75 11.12 3.18
CA SER C 147 -29.63 10.19 2.95
C SER C 147 -28.99 10.41 1.59
N GLN C 148 -29.42 11.43 0.90
CA GLN C 148 -28.72 11.82 -0.34
C GLN C 148 -28.16 13.24 -0.18
N SER C 149 -28.37 13.77 1.00
CA SER C 149 -27.90 15.12 1.34
C SER C 149 -26.37 15.15 1.34
N PHE C 150 -25.87 16.33 1.02
CA PHE C 150 -24.43 16.58 0.96
C PHE C 150 -24.01 17.50 2.10
N VAL C 151 -23.10 17.01 2.89
CA VAL C 151 -22.50 17.83 3.94
C VAL C 151 -21.01 17.81 3.71
N GLY C 152 -20.53 19.00 3.47
CA GLY C 152 -19.13 19.28 3.19
C GLY C 152 -19.03 20.67 2.56
N GLU C 153 -18.01 20.84 1.75
CA GLU C 153 -17.76 22.12 1.08
C GLU C 153 -17.73 21.93 -0.44
N ILE C 154 -18.48 22.84 -1.09
CA ILE C 154 -18.45 23.01 -2.55
C ILE C 154 -17.98 24.42 -2.90
N GLY C 155 -17.01 24.51 -3.79
CA GLY C 155 -16.58 25.78 -4.39
C GLY C 155 -16.38 25.70 -5.89
N ASP C 156 -16.08 26.83 -6.53
CA ASP C 156 -15.52 26.98 -7.88
C ASP C 156 -16.40 26.24 -8.90
N LEU C 157 -17.68 26.53 -8.85
CA LEU C 157 -18.70 25.87 -9.69
C LEU C 157 -19.01 26.79 -10.89
N TYR C 158 -18.73 26.22 -12.06
CA TYR C 158 -18.90 26.86 -13.38
C TYR C 158 -19.71 25.96 -14.30
N MET C 159 -20.65 26.52 -15.04
CA MET C 159 -21.42 25.75 -16.01
C MET C 159 -21.52 26.49 -17.34
N TRP C 160 -21.03 25.83 -18.34
CA TRP C 160 -20.94 26.32 -19.73
C TRP C 160 -22.00 25.63 -20.59
N ASP C 161 -22.39 26.19 -21.73
CA ASP C 161 -23.27 25.43 -22.63
C ASP C 161 -22.52 24.84 -23.80
N SER C 162 -21.24 24.57 -23.66
CA SER C 162 -20.58 23.76 -24.71
C SER C 162 -19.76 22.65 -24.06
N VAL C 163 -19.31 21.73 -24.86
CA VAL C 163 -18.34 20.71 -24.39
C VAL C 163 -16.93 21.26 -24.47
N LEU C 164 -16.30 21.41 -23.33
CA LEU C 164 -14.97 22.06 -23.20
C LEU C 164 -13.88 21.06 -23.64
N PRO C 165 -12.90 21.50 -24.41
CA PRO C 165 -11.77 20.63 -24.74
C PRO C 165 -10.87 20.43 -23.54
N PRO C 166 -10.00 19.43 -23.64
CA PRO C 166 -9.15 19.11 -22.49
C PRO C 166 -8.44 20.33 -21.95
N GLU C 167 -7.90 21.25 -22.74
CA GLU C 167 -7.04 22.28 -22.17
C GLU C 167 -7.85 23.21 -21.26
N ASN C 168 -9.12 23.39 -21.57
CA ASN C 168 -10.00 24.24 -20.77
C ASN C 168 -10.44 23.49 -19.51
N ILE C 169 -10.47 22.18 -19.55
CA ILE C 169 -10.74 21.38 -18.33
C ILE C 169 -9.60 21.55 -17.33
N LEU C 170 -8.40 21.33 -17.81
CA LEU C 170 -7.15 21.58 -17.11
C LEU C 170 -7.06 23.00 -16.57
N SER C 171 -7.46 24.03 -17.34
CA SER C 171 -7.40 25.41 -16.83
C SER C 171 -8.36 25.56 -15.64
N ALA C 172 -9.56 25.01 -15.76
CA ALA C 172 -10.53 25.08 -14.65
C ALA C 172 -9.93 24.41 -13.40
N TYR C 173 -9.37 23.23 -13.62
CA TYR C 173 -8.76 22.42 -12.56
C TYR C 173 -7.62 23.18 -11.87
N GLN C 174 -6.85 23.87 -12.70
CA GLN C 174 -5.67 24.62 -12.26
C GLN C 174 -6.04 25.93 -11.55
N GLY C 175 -7.26 26.40 -11.78
CA GLY C 175 -7.77 27.61 -11.09
C GLY C 175 -7.97 28.80 -12.05
N THR C 176 -7.88 28.64 -13.32
CA THR C 176 -8.15 29.72 -14.29
C THR C 176 -9.17 29.25 -15.33
N PRO C 177 -10.45 29.14 -14.99
CA PRO C 177 -11.47 28.70 -15.91
C PRO C 177 -11.94 29.83 -16.77
N LEU C 178 -12.33 29.49 -17.98
CA LEU C 178 -12.89 30.46 -18.92
C LEU C 178 -14.20 31.00 -18.36
N PRO C 179 -14.62 32.24 -18.60
CA PRO C 179 -15.91 32.70 -18.12
C PRO C 179 -16.96 31.72 -18.62
N ALA C 180 -17.99 31.51 -17.81
CA ALA C 180 -19.10 30.56 -18.13
C ALA C 180 -20.40 31.34 -18.40
N ASN C 181 -21.35 30.73 -19.12
CA ASN C 181 -22.61 31.44 -19.49
C ASN C 181 -23.89 30.91 -18.80
N ILE C 182 -23.86 29.75 -18.17
CA ILE C 182 -25.09 29.24 -17.49
C ILE C 182 -25.00 29.50 -15.98
N LEU C 183 -23.84 29.19 -15.45
CA LEU C 183 -23.50 29.36 -14.00
C LEU C 183 -22.02 29.74 -13.88
N ASP C 184 -21.75 30.82 -13.18
CA ASP C 184 -20.36 31.31 -12.98
C ASP C 184 -20.13 31.68 -11.51
N TRP C 185 -19.10 31.04 -10.95
CA TRP C 185 -18.73 31.22 -9.54
C TRP C 185 -18.34 32.68 -9.23
N GLN C 186 -17.95 33.40 -10.26
CA GLN C 186 -17.49 34.79 -10.11
C GLN C 186 -18.63 35.81 -10.36
N ALA C 187 -19.78 35.31 -10.72
CA ALA C 187 -20.97 36.14 -10.97
C ALA C 187 -22.22 35.30 -10.77
N LEU C 188 -22.29 34.77 -9.57
CA LEU C 188 -23.34 33.82 -9.18
C LEU C 188 -24.52 34.49 -8.46
N ASN C 189 -25.68 33.98 -8.83
CA ASN C 189 -26.98 34.37 -8.25
C ASN C 189 -27.55 33.16 -7.53
N TYR C 190 -27.61 33.26 -6.21
CA TYR C 190 -28.05 32.14 -5.37
C TYR C 190 -28.90 32.61 -4.19
N GLU C 191 -29.52 31.62 -3.57
CA GLU C 191 -30.34 31.78 -2.37
C GLU C 191 -29.96 30.70 -1.36
N ILE C 192 -29.60 31.15 -0.19
CA ILE C 192 -29.24 30.24 0.90
C ILE C 192 -30.48 29.96 1.75
N ARG C 193 -30.75 28.70 1.92
CA ARG C 193 -31.88 28.25 2.75
C ARG C 193 -31.36 27.28 3.79
N GLY C 194 -31.70 27.57 5.02
CA GLY C 194 -31.25 26.76 6.16
C GLY C 194 -29.86 27.23 6.59
N TYR C 195 -29.13 26.27 7.14
CA TYR C 195 -27.79 26.49 7.70
C TYR C 195 -26.68 26.09 6.71
N VAL C 196 -26.24 27.11 5.99
CA VAL C 196 -25.10 27.01 5.04
C VAL C 196 -24.29 28.28 5.24
N ILE C 197 -22.98 28.11 5.32
CA ILE C 197 -22.07 29.24 5.60
C ILE C 197 -21.04 29.40 4.50
N ILE C 198 -20.72 30.65 4.22
CA ILE C 198 -19.70 30.98 3.21
C ILE C 198 -18.39 31.30 3.94
N LYS C 199 -17.42 30.47 3.63
CA LYS C 199 -16.07 30.53 4.19
C LYS C 199 -15.02 30.52 3.10
N PRO C 200 -13.79 30.98 3.35
CA PRO C 200 -12.76 30.94 2.35
C PRO C 200 -12.35 29.51 2.10
N LEU C 201 -11.95 29.33 0.86
CA LEU C 201 -11.45 28.05 0.31
C LEU C 201 -10.03 27.83 0.82
N VAL C 202 -9.89 27.05 1.88
CA VAL C 202 -8.57 26.83 2.50
C VAL C 202 -7.94 25.49 2.10
N TRP C 203 -8.66 24.65 1.38
CA TRP C 203 -8.11 23.33 1.08
C TRP C 203 -7.59 23.17 -0.37
N VAL C 204 -7.34 24.28 -1.03
CA VAL C 204 -6.71 24.25 -2.37
C VAL C 204 -5.54 25.23 -2.41
N HIS D 1 4.41 30.46 36.58
CA HIS D 1 4.21 29.72 35.32
C HIS D 1 5.58 29.30 34.76
N THR D 2 5.58 28.20 34.04
CA THR D 2 6.80 27.48 33.61
C THR D 2 6.92 27.51 32.09
N ASP D 3 8.15 27.52 31.64
CA ASP D 3 8.54 27.38 30.23
C ASP D 3 8.75 25.91 29.89
N LEU D 4 7.87 25.34 29.11
CA LEU D 4 7.90 23.89 28.83
C LEU D 4 8.44 23.65 27.41
N SER D 5 9.12 24.64 26.88
CA SER D 5 9.71 24.59 25.53
C SER D 5 10.63 23.38 25.41
N GLY D 6 10.42 22.60 24.35
CA GLY D 6 11.24 21.41 24.03
C GLY D 6 11.02 20.31 25.07
N LYS D 7 9.87 20.35 25.70
CA LYS D 7 9.48 19.37 26.70
C LYS D 7 8.05 18.91 26.49
N VAL D 8 7.76 17.76 27.02
CA VAL D 8 6.43 17.17 26.95
C VAL D 8 6.06 16.54 28.28
N PHE D 9 4.77 16.39 28.43
CA PHE D 9 4.19 15.68 29.55
C PHE D 9 3.93 14.25 29.10
N VAL D 10 4.50 13.28 29.75
CA VAL D 10 4.20 11.91 29.37
C VAL D 10 3.44 11.20 30.49
N PHE D 11 2.23 10.79 30.12
CA PHE D 11 1.33 9.98 30.98
C PHE D 11 1.70 8.53 30.70
N PRO D 12 2.59 7.92 31.49
CA PRO D 12 3.20 6.62 31.19
C PRO D 12 2.35 5.40 31.45
N ARG D 13 1.16 5.59 31.94
CA ARG D 13 0.36 4.38 32.21
C ARG D 13 -1.13 4.72 32.20
N GLU D 14 -1.90 3.68 32.05
CA GLU D 14 -3.35 3.78 32.11
C GLU D 14 -3.73 3.81 33.59
N SER D 15 -4.63 4.68 33.89
CA SER D 15 -5.13 4.84 35.26
C SER D 15 -6.41 5.65 35.22
N VAL D 16 -6.95 5.90 36.39
CA VAL D 16 -8.15 6.72 36.53
C VAL D 16 -7.86 7.87 37.48
N THR D 17 -6.58 8.04 37.78
CA THR D 17 -6.14 9.07 38.73
C THR D 17 -5.19 10.11 38.08
N ASP D 18 -4.20 9.62 37.37
CA ASP D 18 -3.18 10.49 36.73
C ASP D 18 -3.82 11.52 35.79
N HIS D 19 -3.40 12.76 35.99
CA HIS D 19 -3.86 13.91 35.19
C HIS D 19 -3.16 15.18 35.67
N VAL D 20 -3.17 16.17 34.80
CA VAL D 20 -2.60 17.48 35.12
C VAL D 20 -3.66 18.53 34.84
N ASN D 21 -3.75 19.45 35.78
CA ASN D 21 -4.70 20.56 35.69
C ASN D 21 -4.01 21.76 35.05
N LEU D 22 -4.72 22.31 34.08
CA LEU D 22 -4.27 23.51 33.35
C LEU D 22 -5.04 24.70 33.89
N ILE D 23 -4.30 25.70 34.32
CA ILE D 23 -4.90 26.89 34.96
C ILE D 23 -4.72 28.16 34.11
N THR D 24 -5.88 28.73 33.81
CA THR D 24 -6.05 30.00 33.06
C THR D 24 -7.08 30.88 33.82
N PRO D 25 -6.93 32.19 33.78
CA PRO D 25 -7.80 33.12 34.51
C PRO D 25 -9.05 33.51 33.74
N LEU D 26 -9.43 32.64 32.81
CA LEU D 26 -10.63 32.83 31.96
C LEU D 26 -11.80 33.36 32.79
N GLU D 27 -12.17 34.64 32.57
CA GLU D 27 -13.30 35.30 33.27
C GLU D 27 -14.58 35.38 32.38
N LYS D 28 -14.40 35.70 31.10
CA LYS D 28 -15.54 35.86 30.17
C LYS D 28 -15.71 34.67 29.23
N PRO D 29 -16.95 34.24 29.03
CA PRO D 29 -17.34 33.15 28.14
C PRO D 29 -16.66 33.31 26.81
N LEU D 30 -16.26 32.17 26.29
CA LEU D 30 -15.59 32.06 24.99
C LEU D 30 -16.63 32.20 23.86
N GLN D 31 -16.24 33.04 22.91
CA GLN D 31 -17.03 33.38 21.70
C GLN D 31 -16.33 32.74 20.48
N ASN D 32 -14.99 32.75 20.55
CA ASN D 32 -14.06 32.14 19.58
C ASN D 32 -12.84 31.56 20.30
N PHE D 33 -12.15 30.69 19.59
CA PHE D 33 -10.91 30.07 20.08
C PHE D 33 -10.32 29.11 19.06
N THR D 34 -9.05 28.88 19.29
CA THR D 34 -8.22 27.92 18.55
C THR D 34 -7.29 27.26 19.56
N LEU D 35 -7.29 25.93 19.51
CA LEU D 35 -6.46 25.12 20.40
C LEU D 35 -5.58 24.18 19.58
N CYS D 36 -4.26 24.39 19.67
CA CYS D 36 -3.29 23.51 19.00
C CYS D 36 -2.47 22.74 20.03
N PHE D 37 -2.15 21.50 19.73
CA PHE D 37 -1.21 20.71 20.55
C PHE D 37 -0.63 19.56 19.74
N ARG D 38 0.50 19.02 20.12
CA ARG D 38 1.05 17.76 19.61
C ARG D 38 0.73 16.61 20.57
N ALA D 39 0.51 15.42 20.02
CA ALA D 39 0.32 14.23 20.86
C ALA D 39 0.97 13.01 20.19
N TYR D 40 1.41 12.08 21.03
CA TYR D 40 2.03 10.81 20.58
C TYR D 40 1.57 9.69 21.52
N SER D 41 0.65 8.89 20.99
CA SER D 41 0.04 7.79 21.73
C SER D 41 -0.12 6.55 20.83
N ASP D 42 0.01 5.35 21.40
CA ASP D 42 -0.16 4.09 20.63
C ASP D 42 -1.38 3.31 21.15
N LEU D 43 -2.28 4.09 21.71
CA LEU D 43 -3.60 3.63 22.19
C LEU D 43 -4.47 3.45 20.95
N SER D 44 -5.17 2.33 20.86
CA SER D 44 -6.04 2.08 19.70
C SER D 44 -7.51 2.18 20.09
N ARG D 45 -7.79 2.30 21.38
CA ARG D 45 -9.12 2.69 21.85
C ARG D 45 -9.31 4.19 21.85
N ALA D 46 -10.52 4.64 22.14
CA ALA D 46 -10.86 6.07 22.16
C ALA D 46 -10.29 6.71 23.42
N TYR D 47 -10.00 8.00 23.36
CA TYR D 47 -9.51 8.75 24.50
C TYR D 47 -9.80 10.24 24.36
N SER D 48 -9.73 10.93 25.46
CA SER D 48 -9.79 12.39 25.59
C SER D 48 -8.39 13.00 25.39
N LEU D 49 -8.36 14.09 24.64
CA LEU D 49 -7.11 14.82 24.36
C LEU D 49 -7.03 16.07 25.22
N PHE D 50 -8.21 16.62 25.46
CA PHE D 50 -8.35 17.88 26.17
C PHE D 50 -9.79 18.06 26.65
N SER D 51 -9.95 18.13 27.95
CA SER D 51 -11.28 18.32 28.55
C SER D 51 -11.38 19.69 29.21
N TYR D 52 -12.58 20.22 29.10
CA TYR D 52 -12.92 21.55 29.61
C TYR D 52 -14.40 21.56 30.04
N ASN D 53 -14.61 21.57 31.36
CA ASN D 53 -15.95 21.57 31.96
C ASN D 53 -16.10 22.79 32.86
N THR D 54 -17.34 23.22 33.04
CA THR D 54 -17.69 24.38 33.90
C THR D 54 -18.72 23.91 34.95
N GLN D 55 -19.04 24.77 35.94
CA GLN D 55 -20.00 24.37 37.03
C GLN D 55 -21.31 23.88 36.43
N GLY D 56 -21.54 22.61 36.55
CA GLY D 56 -22.78 21.92 36.20
C GLY D 56 -22.86 21.69 34.68
N ARG D 57 -21.73 21.73 34.02
CA ARG D 57 -21.72 21.53 32.56
C ARG D 57 -20.57 20.66 32.11
N ASP D 58 -20.99 19.49 31.66
CA ASP D 58 -20.13 18.45 31.12
C ASP D 58 -19.90 18.69 29.63
N ASN D 59 -18.71 18.33 29.20
CA ASN D 59 -18.31 18.46 27.80
C ASN D 59 -18.69 19.83 27.27
N GLU D 60 -18.23 20.85 27.94
CA GLU D 60 -18.45 22.24 27.52
C GLU D 60 -17.58 22.53 26.29
N LEU D 61 -16.42 21.89 26.33
CA LEU D 61 -15.42 21.90 25.25
C LEU D 61 -14.53 20.69 25.50
N LEU D 62 -14.61 19.76 24.57
CA LEU D 62 -13.92 18.47 24.67
C LEU D 62 -13.38 18.05 23.30
N VAL D 63 -12.11 17.69 23.27
CA VAL D 63 -11.49 17.21 22.02
C VAL D 63 -11.09 15.75 22.17
N TYR D 64 -11.71 14.91 21.40
CA TYR D 64 -11.90 13.46 21.72
C TYR D 64 -11.47 12.64 20.52
N LYS D 65 -10.58 11.64 20.65
CA LYS D 65 -10.30 10.81 19.47
C LYS D 65 -11.11 9.50 19.55
N GLU D 66 -12.00 9.37 18.59
CA GLU D 66 -12.94 8.22 18.50
C GLU D 66 -12.20 6.91 18.20
N ARG D 67 -11.35 7.01 17.20
CA ARG D 67 -10.50 5.91 16.70
C ARG D 67 -9.52 6.51 15.72
N VAL D 68 -8.72 5.68 15.09
CA VAL D 68 -7.73 6.16 14.12
C VAL D 68 -8.43 6.79 12.91
N GLY D 69 -8.05 8.01 12.61
CA GLY D 69 -8.54 8.72 11.43
C GLY D 69 -9.78 9.58 11.71
N GLU D 70 -10.19 9.70 12.96
CA GLU D 70 -11.35 10.56 13.24
C GLU D 70 -11.31 11.11 14.65
N TYR D 71 -11.54 12.38 14.61
CA TYR D 71 -11.50 13.34 15.72
C TYR D 71 -12.85 14.02 15.90
N SER D 72 -13.21 14.17 17.15
CA SER D 72 -14.48 14.79 17.54
C SER D 72 -14.21 16.02 18.42
N LEU D 73 -15.10 16.96 18.27
CA LEU D 73 -15.10 18.18 19.05
C LEU D 73 -16.48 18.39 19.66
N TYR D 74 -16.48 18.59 20.95
CA TYR D 74 -17.71 18.87 21.70
C TYR D 74 -17.74 20.34 22.09
N ILE D 75 -18.89 20.93 21.86
CA ILE D 75 -19.16 22.32 22.28
C ILE D 75 -20.54 22.31 22.95
N GLY D 76 -20.56 22.51 24.24
CA GLY D 76 -21.82 22.55 24.99
C GLY D 76 -22.60 21.22 24.86
N ARG D 77 -21.88 20.13 25.00
CA ARG D 77 -22.44 18.76 25.04
C ARG D 77 -22.90 18.26 23.64
N HIS D 78 -22.86 19.13 22.66
CA HIS D 78 -23.14 18.74 21.26
C HIS D 78 -21.82 18.44 20.62
N LYS D 79 -21.79 17.53 19.69
CA LYS D 79 -20.50 17.25 19.09
C LYS D 79 -20.62 17.14 17.58
N VAL D 80 -19.43 17.24 17.03
CA VAL D 80 -19.16 17.22 15.59
C VAL D 80 -17.90 16.36 15.40
N THR D 81 -17.82 15.67 14.28
CA THR D 81 -16.66 14.79 14.00
C THR D 81 -16.18 14.95 12.56
N SER D 82 -14.87 14.86 12.32
CA SER D 82 -14.35 14.91 10.94
C SER D 82 -13.30 13.81 10.76
N LYS D 83 -13.24 13.26 9.57
CA LYS D 83 -12.30 12.17 9.27
C LYS D 83 -11.08 12.69 8.52
N VAL D 84 -10.02 11.91 8.61
CA VAL D 84 -8.73 12.19 7.96
C VAL D 84 -7.99 10.86 7.75
N ILE D 85 -7.04 10.86 6.82
CA ILE D 85 -6.18 9.67 6.57
C ILE D 85 -4.92 9.83 7.44
N GLU D 86 -4.58 8.81 8.21
CA GLU D 86 -3.39 8.91 9.07
C GLU D 86 -2.87 7.53 9.48
N LYS D 87 -1.54 7.59 9.77
CA LYS D 87 -0.73 6.43 10.16
C LYS D 87 -0.91 6.12 11.64
N PHE D 88 -0.71 4.89 12.02
CA PHE D 88 -0.83 4.46 13.42
C PHE D 88 0.27 3.47 13.78
N PRO D 89 1.02 3.64 14.84
CA PRO D 89 1.06 4.87 15.65
C PRO D 89 1.93 5.92 14.95
N ALA D 90 1.64 7.15 15.17
CA ALA D 90 2.49 8.26 14.69
C ALA D 90 2.21 9.52 15.50
N PRO D 91 3.20 10.41 15.71
CA PRO D 91 2.95 11.67 16.39
C PRO D 91 1.97 12.45 15.57
N VAL D 92 1.16 13.26 16.23
CA VAL D 92 0.16 14.07 15.53
C VAL D 92 0.15 15.50 16.09
N HIS D 93 0.08 16.42 15.11
CA HIS D 93 -0.19 17.82 15.48
C HIS D 93 -1.63 18.19 15.18
N ILE D 94 -2.37 18.65 16.17
CA ILE D 94 -3.81 18.97 16.04
C ILE D 94 -4.03 20.46 16.32
N CYS D 95 -4.65 21.21 15.42
CA CYS D 95 -5.38 22.43 15.76
C CYS D 95 -6.87 22.26 15.57
N VAL D 96 -7.76 22.72 16.42
CA VAL D 96 -9.20 22.91 16.22
C VAL D 96 -9.60 24.33 16.64
N SER D 97 -10.48 24.96 15.85
CA SER D 97 -11.05 26.27 16.16
C SER D 97 -12.56 26.21 16.00
N TRP D 98 -13.23 27.16 16.64
CA TRP D 98 -14.69 27.25 16.59
C TRP D 98 -15.14 28.69 16.75
N GLU D 99 -16.09 29.11 15.91
CA GLU D 99 -16.69 30.43 16.10
C GLU D 99 -18.18 30.29 16.32
N SER D 100 -18.61 30.99 17.34
CA SER D 100 -20.00 31.00 17.77
C SER D 100 -20.92 31.60 16.70
N SER D 101 -20.43 32.63 16.02
CA SER D 101 -21.24 33.33 15.00
C SER D 101 -21.60 32.39 13.84
N SER D 102 -20.83 31.48 13.36
CA SER D 102 -21.26 30.64 12.20
C SER D 102 -21.45 29.20 12.68
N GLY D 103 -20.97 28.92 13.86
CA GLY D 103 -20.99 27.57 14.44
C GLY D 103 -19.90 26.68 13.87
N ILE D 104 -19.00 27.23 13.06
CA ILE D 104 -18.09 26.41 12.26
C ILE D 104 -16.91 25.94 13.12
N ALA D 105 -16.72 24.65 13.12
CA ALA D 105 -15.54 23.99 13.69
C ALA D 105 -14.55 23.60 12.60
N GLU D 106 -13.30 23.94 12.77
CA GLU D 106 -12.21 23.64 11.80
C GLU D 106 -11.15 22.77 12.48
N PHE D 107 -10.88 21.56 12.02
CA PHE D 107 -9.73 20.74 12.42
C PHE D 107 -8.60 20.86 11.42
N TRP D 108 -7.38 20.96 11.92
CA TRP D 108 -6.18 20.78 11.10
C TRP D 108 -5.34 19.65 11.67
N ILE D 109 -5.12 18.62 10.89
CA ILE D 109 -4.24 17.52 11.36
C ILE D 109 -2.96 17.49 10.56
N ASN D 110 -1.84 17.67 11.20
CA ASN D 110 -0.50 17.78 10.59
C ASN D 110 -0.54 18.79 9.44
N GLY D 111 -1.10 19.95 9.68
CA GLY D 111 -1.01 21.01 8.65
C GLY D 111 -2.20 20.95 7.69
N THR D 112 -3.06 19.97 7.81
CA THR D 112 -3.98 19.66 6.71
C THR D 112 -5.43 19.88 7.15
N PRO D 113 -6.18 20.72 6.43
CA PRO D 113 -7.54 21.01 6.91
C PRO D 113 -8.48 19.85 6.64
N LEU D 114 -9.22 19.43 7.69
CA LEU D 114 -10.30 18.46 7.46
C LEU D 114 -11.57 19.17 6.98
N VAL D 115 -12.62 18.49 6.64
CA VAL D 115 -13.89 19.11 6.23
C VAL D 115 -14.51 19.86 7.41
N LYS D 116 -14.99 21.05 7.13
CA LYS D 116 -15.62 21.85 8.18
C LYS D 116 -16.99 21.29 8.54
N LYS D 117 -17.26 21.47 9.80
CA LYS D 117 -18.52 21.07 10.45
C LYS D 117 -18.99 22.23 11.31
N GLY D 118 -20.25 22.22 11.65
CA GLY D 118 -20.82 23.31 12.45
C GLY D 118 -21.72 22.78 13.56
N LEU D 119 -21.66 23.47 14.68
CA LEU D 119 -22.48 23.16 15.85
C LEU D 119 -22.54 24.37 16.79
N ARG D 120 -23.69 24.48 17.47
CA ARG D 120 -23.94 25.41 18.57
C ARG D 120 -23.80 26.84 18.13
N GLN D 121 -24.35 27.18 16.96
CA GLN D 121 -24.28 28.57 16.48
C GLN D 121 -24.95 29.51 17.48
N GLY D 122 -24.22 30.50 17.97
CA GLY D 122 -24.77 31.55 18.85
C GLY D 122 -24.61 31.14 20.32
N TYR D 123 -23.79 30.15 20.57
CA TYR D 123 -23.54 29.66 21.94
C TYR D 123 -22.23 30.24 22.47
N PHE D 124 -22.08 30.18 23.77
CA PHE D 124 -20.86 30.64 24.43
C PHE D 124 -20.38 29.59 25.40
N VAL D 125 -19.20 29.10 25.13
CA VAL D 125 -18.58 28.15 26.02
C VAL D 125 -18.20 28.96 27.26
N GLU D 126 -18.86 28.59 28.34
CA GLU D 126 -18.75 29.29 29.63
C GLU D 126 -17.32 29.30 30.17
N ALA D 127 -17.21 30.28 31.05
CA ALA D 127 -15.98 30.64 31.74
C ALA D 127 -15.86 29.91 33.07
N GLN D 128 -14.63 30.13 33.64
CA GLN D 128 -14.18 29.48 34.89
C GLN D 128 -14.23 27.96 34.72
N PRO D 129 -13.41 27.40 33.83
CA PRO D 129 -13.38 25.99 33.57
C PRO D 129 -12.32 25.29 34.36
N LYS D 130 -12.50 24.00 34.36
CA LYS D 130 -11.56 23.04 34.93
C LYS D 130 -11.03 22.25 33.73
N ILE D 131 -9.82 22.55 33.32
CA ILE D 131 -9.24 21.90 32.14
C ILE D 131 -8.22 20.85 32.56
N VAL D 132 -8.41 19.65 32.07
CA VAL D 132 -7.47 18.58 32.41
C VAL D 132 -7.01 17.81 31.18
N LEU D 133 -5.76 17.45 31.30
CA LEU D 133 -5.01 16.63 30.35
C LEU D 133 -4.83 15.25 30.97
N GLY D 134 -4.97 14.21 30.19
CA GLY D 134 -4.73 12.83 30.67
C GLY D 134 -6.01 12.09 31.07
N GLN D 135 -7.07 12.83 31.33
CA GLN D 135 -8.37 12.24 31.72
C GLN D 135 -9.53 13.05 31.15
N GLU D 136 -10.65 12.37 31.03
CA GLU D 136 -11.92 12.99 30.58
C GLU D 136 -12.80 13.19 31.81
N GLN D 137 -13.21 14.45 32.00
CA GLN D 137 -14.03 14.86 33.16
C GLN D 137 -15.52 14.58 32.91
N ASP D 138 -16.22 14.33 34.00
CA ASP D 138 -17.67 14.10 33.99
C ASP D 138 -18.32 14.86 35.15
N SER D 139 -17.43 15.43 35.98
CA SER D 139 -17.92 16.50 36.88
C SER D 139 -17.08 17.75 36.66
N TYR D 140 -17.36 18.79 37.41
CA TYR D 140 -16.39 19.94 37.42
C TYR D 140 -15.16 19.51 38.20
N GLY D 141 -14.14 19.05 37.49
CA GLY D 141 -12.84 18.64 38.03
C GLY D 141 -12.65 17.14 38.16
N GLY D 142 -13.66 16.32 38.01
CA GLY D 142 -13.51 14.90 38.35
C GLY D 142 -14.41 13.96 37.56
N LYS D 143 -14.74 12.85 38.19
CA LYS D 143 -15.46 11.72 37.63
C LYS D 143 -14.79 11.20 36.37
N PHE D 144 -13.55 10.79 36.53
CA PHE D 144 -12.73 10.26 35.44
C PHE D 144 -13.21 8.89 35.02
N ASP D 145 -12.75 8.40 33.88
CA ASP D 145 -13.15 7.09 33.34
C ASP D 145 -11.93 6.42 32.70
N ARG D 146 -11.48 5.33 33.27
CA ARG D 146 -10.19 4.70 32.93
C ARG D 146 -10.14 4.37 31.45
N SER D 147 -11.30 4.17 30.84
CA SER D 147 -11.37 3.75 29.43
C SER D 147 -11.34 4.94 28.49
N GLN D 148 -11.29 6.15 29.00
CA GLN D 148 -11.14 7.33 28.13
C GLN D 148 -9.85 8.07 28.46
N SER D 149 -9.04 7.46 29.33
CA SER D 149 -7.83 8.17 29.75
C SER D 149 -6.81 8.19 28.60
N PHE D 150 -5.94 9.18 28.64
CA PHE D 150 -4.90 9.36 27.61
C PHE D 150 -3.54 8.96 28.18
N VAL D 151 -2.91 8.02 27.51
CA VAL D 151 -1.57 7.59 27.90
C VAL D 151 -0.64 7.69 26.69
N GLY D 152 0.37 8.48 26.95
CA GLY D 152 1.32 8.89 25.93
C GLY D 152 1.83 10.28 26.28
N GLU D 153 2.21 11.01 25.25
CA GLU D 153 2.82 12.35 25.43
C GLU D 153 2.04 13.44 24.69
N ILE D 154 1.94 14.55 25.44
CA ILE D 154 1.39 15.79 24.89
C ILE D 154 2.36 16.94 25.03
N GLY D 155 2.51 17.73 23.99
CA GLY D 155 3.46 18.86 23.95
C GLY D 155 2.86 20.06 23.23
N ASP D 156 3.53 21.18 23.29
CA ASP D 156 3.30 22.37 22.47
C ASP D 156 1.85 22.78 22.47
N LEU D 157 1.24 22.85 23.63
CA LEU D 157 -0.18 23.23 23.71
C LEU D 157 -0.32 24.74 23.82
N TYR D 158 -1.11 25.32 22.94
CA TYR D 158 -1.44 26.75 22.89
C TYR D 158 -2.93 26.93 22.74
N MET D 159 -3.49 27.89 23.42
CA MET D 159 -4.90 28.21 23.16
C MET D 159 -5.08 29.73 23.07
N TRP D 160 -5.74 30.12 22.00
CA TRP D 160 -6.04 31.53 21.68
C TRP D 160 -7.56 31.78 21.77
N ASP D 161 -7.93 33.03 21.98
CA ASP D 161 -9.35 33.39 22.05
C ASP D 161 -9.77 34.08 20.74
N SER D 162 -9.13 33.62 19.63
CA SER D 162 -9.55 33.97 18.27
C SER D 162 -9.44 32.76 17.35
N VAL D 163 -10.18 32.75 16.26
CA VAL D 163 -9.96 31.76 15.19
C VAL D 163 -8.77 32.17 14.33
N LEU D 164 -7.68 31.42 14.41
CA LEU D 164 -6.45 31.64 13.64
C LEU D 164 -6.70 31.34 12.14
N PRO D 165 -6.21 32.18 11.26
CA PRO D 165 -6.20 31.82 9.82
C PRO D 165 -5.05 30.87 9.51
N PRO D 166 -5.09 30.28 8.34
CA PRO D 166 -4.29 29.11 8.00
C PRO D 166 -2.82 29.36 8.16
N GLU D 167 -2.33 30.56 7.89
CA GLU D 167 -0.88 30.78 8.04
C GLU D 167 -0.47 30.69 9.50
N ASN D 168 -1.37 31.00 10.42
CA ASN D 168 -0.97 30.94 11.84
C ASN D 168 -1.02 29.49 12.33
N ILE D 169 -2.00 28.76 11.85
CA ILE D 169 -2.11 27.31 12.14
C ILE D 169 -0.83 26.60 11.69
N LEU D 170 -0.39 27.08 10.55
CA LEU D 170 0.75 26.46 9.85
C LEU D 170 2.06 26.75 10.59
N SER D 171 2.21 27.97 11.10
CA SER D 171 3.30 28.37 11.98
C SER D 171 3.37 27.47 13.21
N ALA D 172 2.24 27.31 13.88
CA ALA D 172 2.19 26.42 15.07
C ALA D 172 2.63 25.02 14.67
N TYR D 173 2.05 24.49 13.61
CA TYR D 173 2.40 23.15 13.13
C TYR D 173 3.89 23.00 12.91
N GLN D 174 4.55 24.07 12.48
CA GLN D 174 5.96 23.97 12.06
C GLN D 174 6.87 24.53 13.16
N GLY D 175 6.28 24.96 14.25
CA GLY D 175 7.04 25.02 15.50
C GLY D 175 7.13 26.46 16.00
N THR D 176 6.58 27.38 15.29
CA THR D 176 6.67 28.81 15.62
C THR D 176 5.27 29.40 15.77
N PRO D 177 4.54 29.14 16.85
CA PRO D 177 3.22 29.70 17.03
C PRO D 177 3.31 31.10 17.56
N LEU D 178 2.27 31.85 17.28
CA LEU D 178 2.12 33.20 17.82
C LEU D 178 1.92 33.06 19.32
N PRO D 179 2.27 34.01 20.19
CA PRO D 179 1.97 33.85 21.60
C PRO D 179 0.48 33.74 21.74
N ALA D 180 0.02 32.74 22.50
CA ALA D 180 -1.38 32.48 22.84
C ALA D 180 -1.73 33.18 24.15
N ASN D 181 -2.96 33.62 24.30
CA ASN D 181 -3.36 34.39 25.49
C ASN D 181 -4.34 33.66 26.41
N ILE D 182 -4.68 32.40 26.16
CA ILE D 182 -5.47 31.64 27.14
C ILE D 182 -4.59 30.57 27.79
N LEU D 183 -3.80 29.95 26.93
CA LEU D 183 -2.87 28.88 27.29
C LEU D 183 -1.61 29.00 26.41
N ASP D 184 -0.45 29.06 27.05
CA ASP D 184 0.83 29.19 26.34
C ASP D 184 1.88 28.26 26.95
N TRP D 185 2.33 27.31 26.11
CA TRP D 185 3.30 26.27 26.52
C TRP D 185 4.55 26.91 27.13
N GLN D 186 4.88 28.11 26.77
CA GLN D 186 6.14 28.75 27.23
C GLN D 186 5.93 29.57 28.51
N ALA D 187 4.75 29.62 29.05
CA ALA D 187 4.39 30.32 30.31
C ALA D 187 3.12 29.70 30.87
N LEU D 188 3.22 28.40 31.10
CA LEU D 188 2.10 27.56 31.51
C LEU D 188 2.02 27.45 33.03
N ASN D 189 0.80 27.56 33.54
CA ASN D 189 0.46 27.30 34.95
C ASN D 189 -0.25 25.96 35.07
N TYR D 190 0.39 24.93 35.63
CA TYR D 190 -0.22 23.59 35.63
C TYR D 190 -0.07 22.94 37.00
N GLU D 191 -0.94 22.00 37.34
CA GLU D 191 -0.75 21.12 38.51
C GLU D 191 -0.63 19.67 38.07
N ILE D 192 0.45 19.01 38.42
CA ILE D 192 0.50 17.54 38.19
C ILE D 192 -0.17 16.80 39.32
N ARG D 193 -1.14 15.98 39.04
CA ARG D 193 -1.77 15.08 40.02
C ARG D 193 -1.58 13.64 39.61
N GLY D 194 -0.84 12.92 40.40
CA GLY D 194 -0.59 11.53 40.10
C GLY D 194 0.75 11.40 39.39
N TYR D 195 0.82 10.35 38.61
CA TYR D 195 2.05 9.95 37.93
C TYR D 195 2.14 10.46 36.48
N VAL D 196 2.67 11.63 36.34
CA VAL D 196 3.03 12.19 35.02
C VAL D 196 4.39 12.87 35.12
N ILE D 197 5.18 12.60 34.12
CA ILE D 197 6.57 13.05 34.05
C ILE D 197 6.79 14.01 32.90
N ILE D 198 7.65 14.97 33.16
CA ILE D 198 8.07 15.89 32.13
C ILE D 198 9.42 15.40 31.59
N LYS D 199 9.42 15.03 30.33
CA LYS D 199 10.62 14.55 29.63
C LYS D 199 10.86 15.42 28.38
N PRO D 200 12.07 15.51 27.84
CA PRO D 200 12.33 16.29 26.64
C PRO D 200 11.54 15.73 25.50
N LEU D 201 11.16 16.63 24.59
CA LEU D 201 10.39 16.28 23.39
C LEU D 201 11.33 15.75 22.30
N VAL D 202 11.34 14.44 22.09
CA VAL D 202 12.33 13.84 21.20
C VAL D 202 11.72 13.29 19.91
N TRP D 203 10.40 13.45 19.73
CA TRP D 203 9.75 12.88 18.54
C TRP D 203 9.37 13.92 17.46
N VAL D 204 10.02 15.08 17.47
CA VAL D 204 9.83 16.09 16.39
C VAL D 204 11.20 16.67 16.00
N HIS E 1 36.37 -13.07 26.42
CA HIS E 1 36.91 -11.75 26.05
C HIS E 1 37.20 -11.71 24.56
N THR E 2 36.12 -11.60 23.81
CA THR E 2 36.17 -11.69 22.35
C THR E 2 35.51 -10.45 21.66
N ASP E 3 36.21 -9.99 20.61
CA ASP E 3 35.80 -8.83 19.77
C ASP E 3 35.04 -9.32 18.52
N LEU E 4 33.74 -9.04 18.56
CA LEU E 4 32.76 -9.54 17.57
C LEU E 4 32.32 -8.51 16.52
N SER E 5 33.12 -7.49 16.31
CA SER E 5 32.83 -6.45 15.31
C SER E 5 32.65 -7.09 13.91
N GLY E 6 31.51 -6.79 13.31
CA GLY E 6 31.14 -7.27 11.97
C GLY E 6 30.73 -8.75 11.99
N LYS E 7 30.45 -9.23 13.20
CA LYS E 7 30.05 -10.63 13.44
C LYS E 7 28.68 -10.70 14.13
N VAL E 8 28.10 -11.89 14.09
CA VAL E 8 26.75 -12.16 14.63
C VAL E 8 26.61 -13.60 15.13
N PHE E 9 25.73 -13.76 16.11
CA PHE E 9 25.36 -15.07 16.66
C PHE E 9 24.10 -15.54 15.92
N VAL E 10 24.20 -16.72 15.26
CA VAL E 10 22.97 -17.17 14.58
C VAL E 10 22.43 -18.45 15.23
N PHE E 11 21.20 -18.33 15.66
CA PHE E 11 20.41 -19.43 16.24
C PHE E 11 19.62 -20.02 15.06
N PRO E 12 20.10 -21.10 14.41
CA PRO E 12 19.53 -21.58 13.15
C PRO E 12 18.30 -22.41 13.27
N ARG E 13 18.04 -22.93 14.44
CA ARG E 13 16.88 -23.81 14.58
C ARG E 13 16.08 -23.48 15.82
N GLU E 14 14.84 -23.89 15.79
CA GLU E 14 13.97 -23.76 16.95
C GLU E 14 14.31 -24.90 17.90
N SER E 15 14.32 -24.58 19.18
CA SER E 15 14.64 -25.56 20.22
C SER E 15 14.43 -24.96 21.59
N VAL E 16 14.77 -25.75 22.57
CA VAL E 16 14.68 -25.34 23.97
C VAL E 16 16.01 -25.58 24.63
N THR E 17 17.02 -25.64 23.79
CA THR E 17 18.36 -26.01 24.23
C THR E 17 19.46 -24.97 23.86
N ASP E 18 19.48 -24.52 22.61
CA ASP E 18 20.54 -23.60 22.15
C ASP E 18 20.42 -22.21 22.78
N HIS E 19 21.52 -21.77 23.39
CA HIS E 19 21.59 -20.42 23.98
C HIS E 19 23.04 -20.02 24.21
N VAL E 20 23.19 -18.73 24.47
CA VAL E 20 24.49 -18.11 24.76
C VAL E 20 24.40 -17.38 26.10
N ASN E 21 25.30 -17.71 26.99
CA ASN E 21 25.33 -17.04 28.30
C ASN E 21 26.23 -15.81 28.21
N LEU E 22 25.70 -14.63 28.47
CA LEU E 22 26.55 -13.42 28.54
C LEU E 22 27.01 -13.21 30.00
N ILE E 23 28.29 -13.04 30.19
CA ILE E 23 28.81 -12.94 31.58
C ILE E 23 29.23 -11.50 31.87
N THR E 24 28.68 -10.85 32.84
CA THR E 24 29.01 -9.47 33.25
C THR E 24 29.21 -9.41 34.76
N PRO E 25 30.31 -8.85 35.27
CA PRO E 25 30.56 -8.81 36.72
C PRO E 25 29.96 -7.58 37.35
N LEU E 26 28.68 -7.41 37.10
CA LEU E 26 27.71 -6.49 37.70
C LEU E 26 27.57 -6.75 39.21
N GLU E 27 28.12 -5.92 40.07
CA GLU E 27 28.00 -6.08 41.52
C GLU E 27 26.92 -5.19 42.12
N LYS E 28 26.82 -3.94 41.73
CA LYS E 28 25.79 -2.98 42.17
C LYS E 28 24.44 -3.33 41.54
N PRO E 29 23.32 -2.97 42.16
CA PRO E 29 22.07 -2.96 41.39
C PRO E 29 22.00 -1.78 40.46
N LEU E 30 21.18 -1.93 39.44
CA LEU E 30 21.07 -0.96 38.32
C LEU E 30 19.93 0.02 38.59
N GLN E 31 20.05 1.32 38.40
CA GLN E 31 18.98 2.33 38.50
C GLN E 31 18.67 2.91 37.12
N ASN E 32 19.71 2.94 36.33
CA ASN E 32 19.69 3.41 34.93
C ASN E 32 20.37 2.40 34.02
N PHE E 33 19.89 2.36 32.80
CA PHE E 33 20.50 1.51 31.79
C PHE E 33 19.91 1.75 30.42
N THR E 34 20.73 1.30 29.50
CA THR E 34 20.49 1.35 28.07
C THR E 34 21.06 0.07 27.45
N LEU E 35 20.23 -0.60 26.68
CA LEU E 35 20.61 -1.86 26.02
C LEU E 35 20.26 -1.81 24.54
N CYS E 36 21.27 -1.86 23.64
CA CYS E 36 21.07 -1.79 22.19
C CYS E 36 21.60 -3.04 21.50
N PHE E 37 20.86 -3.51 20.51
CA PHE E 37 21.40 -4.61 19.66
C PHE E 37 20.61 -4.66 18.34
N ARG E 38 21.12 -5.36 17.35
CA ARG E 38 20.41 -5.64 16.09
C ARG E 38 19.94 -7.10 16.08
N ALA E 39 18.79 -7.34 15.48
CA ALA E 39 18.29 -8.71 15.39
C ALA E 39 17.63 -8.92 14.01
N TYR E 40 17.77 -10.11 13.48
CA TYR E 40 17.13 -10.45 12.18
C TYR E 40 16.52 -11.84 12.28
N SER E 41 15.21 -11.93 12.23
CA SER E 41 14.44 -13.17 12.46
C SER E 41 13.17 -13.15 11.63
N ASP E 42 12.70 -14.27 11.11
CA ASP E 42 11.40 -14.33 10.46
C ASP E 42 10.40 -15.18 11.22
N LEU E 43 10.56 -15.42 12.52
CA LEU E 43 9.47 -15.88 13.41
C LEU E 43 8.29 -14.91 13.34
N SER E 44 7.08 -15.43 13.23
CA SER E 44 5.92 -14.55 13.42
C SER E 44 5.37 -14.67 14.84
N ARG E 45 5.78 -15.69 15.57
CA ARG E 45 5.39 -15.91 16.96
C ARG E 45 6.17 -15.03 17.91
N ALA E 46 5.71 -14.94 19.16
CA ALA E 46 6.44 -14.25 20.22
C ALA E 46 7.79 -14.90 20.46
N TYR E 47 8.72 -14.08 20.91
CA TYR E 47 10.05 -14.60 21.27
C TYR E 47 10.77 -13.65 22.20
N SER E 48 11.66 -14.18 23.01
CA SER E 48 12.52 -13.37 23.90
C SER E 48 13.76 -12.91 23.14
N LEU E 49 14.10 -11.65 23.37
CA LEU E 49 15.26 -11.00 22.72
C LEU E 49 16.48 -11.00 23.67
N PHE E 50 16.22 -10.63 24.92
CA PHE E 50 17.25 -10.51 25.98
C PHE E 50 16.59 -10.88 27.32
N SER E 51 17.14 -11.90 27.99
CA SER E 51 16.66 -12.47 29.27
C SER E 51 17.70 -12.24 30.36
N TYR E 52 17.23 -11.54 31.39
CA TYR E 52 18.03 -11.14 32.56
C TYR E 52 17.28 -11.54 33.83
N ASN E 53 17.78 -12.59 34.47
CA ASN E 53 17.19 -13.13 35.71
C ASN E 53 18.22 -13.07 36.85
N THR E 54 17.73 -12.98 38.12
CA THR E 54 18.57 -13.00 39.34
C THR E 54 18.03 -14.09 40.30
N GLN E 55 18.79 -14.36 41.36
CA GLN E 55 18.44 -15.40 42.37
C GLN E 55 16.98 -15.20 42.84
N GLY E 56 16.01 -16.12 42.64
CA GLY E 56 14.61 -15.98 43.06
C GLY E 56 13.77 -15.01 42.27
N ARG E 57 14.28 -14.28 41.30
CA ARG E 57 13.43 -13.30 40.57
C ARG E 57 13.43 -13.63 39.07
N ASP E 58 12.22 -14.01 38.64
CA ASP E 58 11.92 -14.16 37.22
C ASP E 58 11.75 -12.80 36.55
N ASN E 59 12.12 -12.63 35.28
CA ASN E 59 11.85 -11.43 34.46
C ASN E 59 12.26 -10.18 35.23
N GLU E 60 13.42 -10.23 35.80
CA GLU E 60 13.99 -9.01 36.42
C GLU E 60 14.25 -7.96 35.35
N LEU E 61 14.79 -8.34 34.20
CA LEU E 61 14.90 -7.45 33.02
C LEU E 61 14.73 -8.27 31.73
N LEU E 62 13.65 -8.09 31.00
CA LEU E 62 13.31 -8.95 29.85
C LEU E 62 12.85 -8.08 28.69
N VAL E 63 13.51 -8.12 27.54
CA VAL E 63 12.95 -7.53 26.31
C VAL E 63 12.33 -8.62 25.45
N TYR E 64 11.07 -8.42 25.08
CA TYR E 64 10.25 -9.55 24.59
C TYR E 64 9.49 -9.10 23.35
N LYS E 65 9.48 -9.82 22.24
CA LYS E 65 8.64 -9.38 21.11
C LYS E 65 7.32 -10.16 21.12
N GLU E 66 6.24 -9.41 21.23
CA GLU E 66 4.88 -10.00 21.34
C GLU E 66 4.36 -10.52 20.00
N ARG E 67 4.53 -9.70 19.00
CA ARG E 67 4.15 -9.98 17.61
C ARG E 67 4.66 -8.85 16.73
N VAL E 68 4.54 -8.89 15.43
CA VAL E 68 5.13 -7.83 14.60
C VAL E 68 4.60 -6.48 15.02
N GLY E 69 5.48 -5.52 15.21
CA GLY E 69 5.10 -4.19 15.70
C GLY E 69 4.98 -4.04 17.19
N GLU E 70 5.16 -5.05 18.04
CA GLU E 70 4.87 -4.87 19.48
C GLU E 70 6.07 -5.35 20.29
N TYR E 71 6.67 -4.46 21.05
CA TYR E 71 7.83 -4.74 21.92
C TYR E 71 7.44 -4.55 23.39
N SER E 72 7.86 -5.48 24.21
CA SER E 72 7.64 -5.45 25.66
C SER E 72 8.95 -5.33 26.42
N LEU E 73 8.87 -4.56 27.49
CA LEU E 73 9.92 -4.45 28.53
C LEU E 73 9.35 -4.88 29.89
N TYR E 74 10.01 -5.85 30.50
CA TYR E 74 9.85 -6.22 31.90
C TYR E 74 10.98 -5.63 32.76
N ILE E 75 10.57 -4.91 33.78
CA ILE E 75 11.49 -4.58 34.89
C ILE E 75 10.93 -5.16 36.19
N GLY E 76 11.65 -6.02 36.88
CA GLY E 76 11.13 -6.69 38.08
C GLY E 76 9.71 -7.19 37.93
N ARG E 77 9.40 -7.90 36.86
CA ARG E 77 8.17 -8.67 36.64
C ARG E 77 7.00 -7.77 36.30
N HIS E 78 7.16 -6.43 36.29
CA HIS E 78 6.13 -5.57 35.69
C HIS E 78 6.40 -5.42 34.19
N LYS E 79 5.34 -5.14 33.50
CA LYS E 79 5.60 -5.14 32.06
C LYS E 79 4.97 -3.90 31.39
N VAL E 80 5.69 -3.37 30.40
CA VAL E 80 5.13 -2.30 29.53
C VAL E 80 5.30 -2.72 28.08
N THR E 81 4.42 -2.25 27.23
CA THR E 81 4.47 -2.57 25.81
C THR E 81 4.26 -1.33 24.95
N SER E 82 5.04 -1.25 23.86
CA SER E 82 4.90 -0.12 22.92
C SER E 82 4.87 -0.62 21.48
N LYS E 83 4.18 0.09 20.61
CA LYS E 83 3.93 -0.37 19.23
C LYS E 83 4.69 0.48 18.23
N VAL E 84 5.10 -0.10 17.12
CA VAL E 84 5.71 0.67 16.01
C VAL E 84 5.23 0.11 14.67
N ILE E 85 5.15 0.95 13.63
CA ILE E 85 5.04 0.43 12.25
C ILE E 85 6.36 -0.23 11.87
N GLU E 86 6.23 -1.42 11.32
CA GLU E 86 7.39 -2.28 11.05
C GLU E 86 7.12 -3.21 9.87
N LYS E 87 8.12 -3.39 9.04
CA LYS E 87 7.99 -4.34 7.92
C LYS E 87 8.40 -5.73 8.43
N PHE E 88 7.88 -6.77 7.86
CA PHE E 88 8.20 -8.14 8.27
C PHE E 88 8.39 -9.03 7.06
N PRO E 89 9.49 -9.74 6.97
CA PRO E 89 10.60 -9.67 7.90
C PRO E 89 11.62 -8.68 7.42
N ALA E 90 12.37 -8.16 8.35
CA ALA E 90 13.41 -7.16 8.06
C ALA E 90 14.30 -6.99 9.28
N PRO E 91 15.59 -6.70 9.12
CA PRO E 91 16.47 -6.48 10.26
C PRO E 91 15.90 -5.36 11.06
N VAL E 92 16.31 -5.31 12.30
CA VAL E 92 15.88 -4.26 13.23
C VAL E 92 17.02 -3.93 14.18
N HIS E 93 17.07 -2.66 14.54
CA HIS E 93 18.01 -2.16 15.54
C HIS E 93 17.18 -1.67 16.72
N ILE E 94 17.41 -2.26 17.86
CA ILE E 94 16.62 -1.89 19.04
C ILE E 94 17.51 -1.28 20.12
N CYS E 95 17.03 -0.18 20.63
CA CYS E 95 17.51 0.26 21.95
C CYS E 95 16.34 0.44 22.91
N VAL E 96 16.63 0.19 24.16
CA VAL E 96 15.67 0.44 25.23
C VAL E 96 16.45 0.91 26.44
N SER E 97 15.90 1.90 27.10
CA SER E 97 16.54 2.44 28.31
C SER E 97 15.49 2.53 29.40
N TRP E 98 15.95 2.52 30.62
CA TRP E 98 15.04 2.66 31.75
C TRP E 98 15.71 3.45 32.86
N GLU E 99 14.87 4.22 33.50
CA GLU E 99 15.27 5.15 34.55
C GLU E 99 14.41 4.94 35.79
N SER E 100 15.06 4.54 36.88
CA SER E 100 14.46 4.35 38.19
C SER E 100 13.76 5.58 38.71
N SER E 101 14.41 6.73 38.70
CA SER E 101 13.83 7.93 39.31
C SER E 101 12.47 8.28 38.76
N SER E 102 12.19 8.03 37.49
CA SER E 102 10.94 8.45 36.85
C SER E 102 10.09 7.24 36.50
N GLY E 103 10.73 6.10 36.35
CA GLY E 103 10.11 4.87 35.89
C GLY E 103 10.00 4.84 34.37
N ILE E 104 10.53 5.82 33.67
CA ILE E 104 10.34 5.97 32.22
C ILE E 104 11.15 4.98 31.42
N ALA E 105 10.46 4.19 30.59
CA ALA E 105 11.07 3.29 29.59
C ALA E 105 10.98 3.91 28.20
N GLU E 106 12.10 4.00 27.52
CA GLU E 106 12.24 4.55 26.16
C GLU E 106 12.58 3.39 25.19
N PHE E 107 11.72 3.11 24.25
CA PHE E 107 12.07 2.23 23.12
C PHE E 107 12.49 3.06 21.92
N TRP E 108 13.59 2.67 21.26
CA TRP E 108 13.97 3.26 19.97
C TRP E 108 14.14 2.15 18.92
N ILE E 109 13.28 2.12 17.93
CA ILE E 109 13.36 1.07 16.91
C ILE E 109 13.85 1.65 15.59
N ASN E 110 15.00 1.23 15.12
CA ASN E 110 15.54 1.77 13.86
C ASN E 110 15.67 3.30 13.95
N GLY E 111 16.18 3.70 15.10
CA GLY E 111 16.45 5.11 15.39
C GLY E 111 15.16 5.89 15.55
N THR E 112 14.02 5.26 15.63
CA THR E 112 12.77 6.03 15.80
C THR E 112 12.23 5.82 17.22
N PRO E 113 11.94 6.86 17.97
CA PRO E 113 11.46 6.69 19.35
C PRO E 113 10.02 6.22 19.37
N LEU E 114 9.75 5.16 20.12
CA LEU E 114 8.33 4.81 20.36
C LEU E 114 7.77 5.69 21.49
N VAL E 115 6.49 5.61 21.78
CA VAL E 115 5.84 6.30 22.90
C VAL E 115 6.40 5.78 24.23
N LYS E 116 6.72 6.71 25.09
CA LYS E 116 7.28 6.39 26.41
C LYS E 116 6.21 5.77 27.31
N LYS E 117 6.68 4.80 28.06
CA LYS E 117 5.88 4.05 29.03
C LYS E 117 6.60 4.12 30.38
N GLY E 118 5.89 3.84 31.47
CA GLY E 118 6.53 3.92 32.81
C GLY E 118 6.15 2.73 33.69
N LEU E 119 7.15 2.28 34.45
CA LEU E 119 6.98 1.16 35.39
C LEU E 119 8.10 1.15 36.42
N ARG E 120 7.72 0.70 37.65
CA ARG E 120 8.67 0.44 38.73
C ARG E 120 9.48 1.66 39.09
N GLN E 121 8.88 2.79 39.29
CA GLN E 121 9.59 3.97 39.78
C GLN E 121 10.03 3.76 41.24
N GLY E 122 11.32 3.95 41.45
CA GLY E 122 11.96 3.84 42.77
C GLY E 122 12.68 2.50 42.94
N TYR E 123 12.42 1.63 41.98
CA TYR E 123 12.96 0.26 41.95
C TYR E 123 14.39 0.22 41.41
N PHE E 124 15.12 -0.76 41.95
CA PHE E 124 16.51 -1.07 41.57
C PHE E 124 16.56 -2.51 41.03
N VAL E 125 16.95 -2.67 39.78
CA VAL E 125 17.04 -4.02 39.20
C VAL E 125 18.32 -4.70 39.69
N GLU E 126 18.11 -5.87 40.21
CA GLU E 126 19.06 -6.66 41.00
C GLU E 126 20.29 -7.02 40.15
N ALA E 127 21.39 -7.16 40.87
CA ALA E 127 22.71 -7.50 40.31
C ALA E 127 22.91 -9.02 40.31
N GLN E 128 24.14 -9.41 40.01
CA GLN E 128 24.58 -10.83 39.92
C GLN E 128 23.56 -11.61 39.09
N PRO E 129 23.34 -11.21 37.84
CA PRO E 129 22.31 -11.80 37.00
C PRO E 129 22.89 -12.89 36.15
N LYS E 130 21.96 -13.58 35.54
CA LYS E 130 22.22 -14.65 34.57
C LYS E 130 21.53 -14.20 33.29
N ILE E 131 22.31 -13.84 32.33
CA ILE E 131 21.81 -13.26 31.07
C ILE E 131 21.97 -14.25 29.94
N VAL E 132 20.82 -14.44 29.24
CA VAL E 132 20.92 -15.42 28.15
C VAL E 132 20.25 -14.90 26.88
N LEU E 133 20.86 -15.30 25.78
CA LEU E 133 20.41 -15.03 24.41
C LEU E 133 19.87 -16.34 23.81
N GLY E 134 18.83 -16.24 23.00
CA GLY E 134 18.25 -17.42 22.31
C GLY E 134 17.02 -17.96 23.06
N GLN E 135 17.08 -17.96 24.42
CA GLN E 135 15.98 -18.52 25.22
C GLN E 135 15.53 -17.50 26.26
N GLU E 136 14.36 -17.83 26.74
CA GLU E 136 13.70 -17.10 27.81
C GLU E 136 13.76 -17.96 29.08
N GLN E 137 14.49 -17.44 30.06
CA GLN E 137 14.68 -18.12 31.36
C GLN E 137 13.44 -18.02 32.23
N ASP E 138 13.21 -19.08 33.00
CA ASP E 138 12.08 -19.12 33.94
C ASP E 138 12.59 -19.49 35.34
N SER E 139 13.82 -19.93 35.36
CA SER E 139 14.55 -19.96 36.65
C SER E 139 15.83 -19.16 36.52
N TYR E 140 16.69 -19.23 37.51
CA TYR E 140 17.98 -18.51 37.47
C TYR E 140 18.96 -19.30 36.61
N GLY E 141 18.96 -19.06 35.32
CA GLY E 141 19.86 -19.77 34.39
C GLY E 141 19.17 -20.75 33.47
N GLY E 142 17.92 -21.08 33.68
CA GLY E 142 17.33 -22.24 33.00
C GLY E 142 15.81 -22.05 32.91
N LYS E 143 15.12 -23.16 32.86
CA LYS E 143 13.72 -23.37 32.61
C LYS E 143 13.22 -22.68 31.37
N PHE E 144 13.85 -23.07 30.27
CA PHE E 144 13.62 -22.52 28.93
C PHE E 144 12.33 -23.09 28.34
N ASP E 145 11.75 -22.35 27.41
CA ASP E 145 10.44 -22.61 26.81
C ASP E 145 10.53 -22.49 25.29
N ARG E 146 10.25 -23.56 24.57
CA ARG E 146 10.54 -23.65 23.13
C ARG E 146 9.78 -22.59 22.36
N SER E 147 8.58 -22.22 22.79
CA SER E 147 7.81 -21.25 22.01
C SER E 147 8.17 -19.82 22.37
N GLN E 148 9.22 -19.63 23.10
CA GLN E 148 9.80 -18.29 23.30
C GLN E 148 11.26 -18.27 22.85
N SER E 149 11.70 -19.38 22.29
CA SER E 149 13.07 -19.37 21.79
C SER E 149 13.18 -18.39 20.60
N PHE E 150 14.37 -17.82 20.47
CA PHE E 150 14.71 -16.90 19.38
C PHE E 150 15.52 -17.65 18.33
N VAL E 151 15.00 -17.73 17.11
CA VAL E 151 15.77 -18.36 16.01
C VAL E 151 15.95 -17.36 14.88
N GLY E 152 17.22 -16.95 14.75
CA GLY E 152 17.60 -15.84 13.86
C GLY E 152 19.01 -15.39 14.22
N GLU E 153 19.29 -14.13 13.96
CA GLU E 153 20.63 -13.58 14.22
C GLU E 153 20.56 -12.34 15.11
N ILE E 154 21.50 -12.29 16.04
CA ILE E 154 21.63 -11.14 16.96
C ILE E 154 23.07 -10.63 16.94
N GLY E 155 23.23 -9.33 16.84
CA GLY E 155 24.61 -8.80 16.82
C GLY E 155 24.65 -7.42 17.48
N ASP E 156 25.82 -6.83 17.62
CA ASP E 156 26.08 -5.44 18.03
C ASP E 156 25.29 -5.13 19.30
N LEU E 157 25.53 -5.96 20.30
CA LEU E 157 24.88 -5.89 21.62
C LEU E 157 25.78 -5.09 22.58
N TYR E 158 25.23 -3.98 23.06
CA TYR E 158 25.91 -3.07 24.01
C TYR E 158 24.99 -2.77 25.18
N MET E 159 25.56 -2.74 26.38
CA MET E 159 24.76 -2.28 27.52
C MET E 159 25.56 -1.31 28.37
N TRP E 160 24.94 -0.18 28.58
CA TRP E 160 25.49 0.95 29.36
C TRP E 160 24.80 1.01 30.72
N ASP E 161 25.37 1.52 31.82
CA ASP E 161 24.57 1.78 33.03
C ASP E 161 24.12 3.20 33.12
N SER E 162 23.90 3.85 31.99
CA SER E 162 23.23 5.16 32.02
C SER E 162 22.13 5.21 30.98
N VAL E 163 21.30 6.22 31.04
CA VAL E 163 20.29 6.49 30.01
C VAL E 163 20.90 7.33 28.90
N LEU E 164 21.02 6.75 27.72
CA LEU E 164 21.69 7.43 26.58
C LEU E 164 20.77 8.54 26.04
N PRO E 165 21.30 9.70 25.69
CA PRO E 165 20.49 10.73 25.02
C PRO E 165 20.32 10.38 23.54
N PRO E 166 19.43 11.01 22.80
CA PRO E 166 19.06 10.51 21.48
C PRO E 166 20.26 10.50 20.54
N GLU E 167 21.19 11.41 20.68
CA GLU E 167 22.41 11.50 19.87
C GLU E 167 23.17 10.19 19.90
N ASN E 168 23.30 9.61 21.09
CA ASN E 168 24.13 8.41 21.26
C ASN E 168 23.34 7.17 20.84
N ILE E 169 22.02 7.18 20.97
CA ILE E 169 21.20 6.14 20.33
C ILE E 169 21.40 6.11 18.82
N LEU E 170 21.53 7.33 18.26
CA LEU E 170 21.55 7.34 16.79
C LEU E 170 22.91 6.85 16.29
N SER E 171 23.96 7.30 16.94
CA SER E 171 25.33 6.91 16.56
C SER E 171 25.54 5.40 16.75
N ALA E 172 24.73 4.83 17.62
CA ALA E 172 24.79 3.37 17.89
C ALA E 172 24.04 2.61 16.78
N TYR E 173 22.95 3.27 16.34
CA TYR E 173 22.14 2.80 15.19
C TYR E 173 22.95 2.93 13.90
N GLN E 174 23.80 3.96 13.83
CA GLN E 174 24.51 4.35 12.61
C GLN E 174 25.89 3.70 12.58
N GLY E 175 26.26 2.92 13.59
CA GLY E 175 27.40 2.01 13.47
C GLY E 175 28.61 2.43 14.28
N THR E 176 28.48 3.47 15.11
CA THR E 176 29.61 3.90 15.96
C THR E 176 29.09 4.19 17.38
N PRO E 177 28.83 3.16 18.18
CA PRO E 177 28.35 3.40 19.54
C PRO E 177 29.46 3.89 20.45
N LEU E 178 29.07 4.61 21.50
CA LEU E 178 29.95 4.84 22.66
C LEU E 178 30.40 3.50 23.25
N PRO E 179 31.63 3.40 23.72
CA PRO E 179 32.03 2.22 24.50
C PRO E 179 31.04 1.96 25.63
N ALA E 180 30.72 0.71 25.91
CA ALA E 180 29.72 0.26 26.88
C ALA E 180 30.41 -0.45 28.05
N ASN E 181 29.89 -0.24 29.25
CA ASN E 181 30.54 -0.79 30.46
C ASN E 181 29.75 -1.94 31.06
N ILE E 182 28.56 -2.29 30.74
CA ILE E 182 27.99 -3.53 31.30
C ILE E 182 28.11 -4.68 30.32
N LEU E 183 27.84 -4.43 29.05
CA LEU E 183 28.07 -5.44 27.98
C LEU E 183 28.61 -4.70 26.73
N ASP E 184 29.56 -5.24 26.05
CA ASP E 184 30.28 -4.58 24.94
C ASP E 184 30.68 -5.62 23.90
N TRP E 185 30.07 -5.56 22.75
CA TRP E 185 30.18 -6.50 21.63
C TRP E 185 31.64 -6.61 21.16
N GLN E 186 32.45 -5.63 21.56
CA GLN E 186 33.86 -5.58 21.15
C GLN E 186 34.80 -6.22 22.20
N ALA E 187 34.25 -6.49 23.37
CA ALA E 187 34.99 -7.12 24.48
C ALA E 187 34.04 -8.00 25.31
N LEU E 188 33.47 -8.97 24.60
CA LEU E 188 32.39 -9.81 25.13
C LEU E 188 32.93 -11.10 25.73
N ASN E 189 32.28 -11.37 26.88
CA ASN E 189 32.45 -12.61 27.66
C ASN E 189 31.21 -13.49 27.51
N TYR E 190 31.30 -14.59 26.77
CA TYR E 190 30.09 -15.40 26.61
C TYR E 190 30.41 -16.88 26.64
N GLU E 191 29.42 -17.72 26.84
CA GLU E 191 29.50 -19.17 26.58
C GLU E 191 28.40 -19.57 25.59
N ILE E 192 28.80 -20.34 24.60
CA ILE E 192 27.78 -20.95 23.73
C ILE E 192 27.34 -22.30 24.26
N ARG E 193 26.04 -22.52 24.35
CA ARG E 193 25.49 -23.85 24.64
C ARG E 193 24.56 -24.29 23.52
N GLY E 194 24.86 -25.42 22.94
CA GLY E 194 23.97 -25.94 21.89
C GLY E 194 24.46 -25.48 20.52
N TYR E 195 23.52 -25.48 19.59
CA TYR E 195 23.78 -25.11 18.19
C TYR E 195 23.59 -23.61 17.95
N VAL E 196 24.69 -22.90 18.07
CA VAL E 196 24.74 -21.46 17.74
C VAL E 196 26.13 -21.10 17.20
N ILE E 197 26.02 -20.67 15.94
CA ILE E 197 27.18 -20.42 15.07
C ILE E 197 27.48 -18.93 15.01
N ILE E 198 28.77 -18.64 14.93
CA ILE E 198 29.18 -17.25 14.67
C ILE E 198 29.53 -17.03 13.21
N LYS E 199 28.92 -16.04 12.58
CA LYS E 199 29.15 -15.74 11.16
C LYS E 199 29.28 -14.22 10.98
N PRO E 200 29.87 -13.76 9.91
CA PRO E 200 29.86 -12.33 9.59
C PRO E 200 28.44 -11.78 9.53
N LEU E 201 28.34 -10.52 9.89
CA LEU E 201 27.11 -9.70 9.73
C LEU E 201 27.00 -9.24 8.26
N VAL E 202 26.02 -9.71 7.52
CA VAL E 202 25.90 -9.40 6.08
C VAL E 202 24.60 -8.64 5.81
N TRP E 203 23.72 -8.57 6.79
CA TRP E 203 22.43 -7.93 6.50
C TRP E 203 22.42 -6.48 6.93
N VAL E 204 23.59 -5.94 7.20
CA VAL E 204 23.73 -4.49 7.42
C VAL E 204 24.74 -3.90 6.46
CA CA F . 10.75 -35.56 -3.91
CA CA G . 7.07 -35.22 -5.36
C ACY H . 8.31 -33.89 -2.42
O ACY H . 8.86 -34.92 -2.02
OXT ACY H . 7.22 -33.99 -3.00
CH3 ACY H . 8.69 -32.54 -1.77
CA CA I . -16.18 -17.43 -29.30
CA CA J . -19.10 -15.94 -26.96
C ACY K . -16.11 -17.92 -26.01
O ACY K . -15.79 -18.67 -26.96
OXT ACY K . -17.29 -17.58 -25.89
CH3 ACY K . -15.07 -17.58 -24.94
CA CA L . -34.37 12.79 -7.74
CA CA M . -34.41 11.52 -4.07
CA CA N . -17.62 14.17 30.09
CA CA O . -16.55 10.35 30.91
C ACY P . -18.21 11.56 27.81
O ACY P . -18.82 12.48 28.36
OXT ACY P . -17.66 10.69 28.48
CH3 ACY P . -18.12 11.53 26.29
CA CA Q . 10.62 -15.83 32.52
CA CA R . 9.08 -18.71 30.09
C ACY S . 7.53 -15.43 30.68
O ACY S . 8.24 -15.36 31.68
OXT ACY S . 7.57 -16.46 29.99
CH3 ACY S . 6.95 -14.13 30.11
#